data_9JC7
#
_entry.id   9JC7
#
_cell.length_a   78.230
_cell.length_b   55.590
_cell.length_c   125.720
_cell.angle_alpha   90.000
_cell.angle_beta   102.072
_cell.angle_gamma   90.000
#
_symmetry.space_group_name_H-M   'P 1 21 1'
#
loop_
_entity.id
_entity.type
_entity.pdbx_description
1 polymer 'Alanine--tRNA ligase'
2 non-polymer "ADENOSINE-5'-TRIPHOSPHATE"
3 non-polymer ALANINE
4 non-polymer 1,2-ETHANEDIOL
5 non-polymer 'FORMIC ACID'
6 non-polymer D-MALATE
7 non-polymer 'CITRIC ACID'
8 water water
#
_entity_poly.entity_id   1
_entity_poly.type   'polypeptide(L)'
_entity_poly.pdbx_seq_one_letter_code
;MTSAEIRAAFLEFFRQRGHAVRPSSSLVPGNDPTLLFTNAGMVQFKDVFLGREKVDFNRAATSQRCVRAGGKHNDLENVG
YTARHHTFFEMLGNFSFGDYFKRDAINFAWDFLTKEMGIPPAKLWVTVFDEDSEAEAIWLEEVKIDPTRFSRIGAKDNFW
AMGDVGPCGPCTEIFYDHGEHVAGGPPGSPDEDGDRYIEIWNLVFMQYERDKDGNLTPLPAPSVDTGMGLERIAAVMQGV
HSNYEIDIFQNLVKTAAALAGTTDLSNSSLRVIADHIRSCAFLVADGVLPSNEGRGYVLRRIVRRAIRHGYRLGIQDTFF
YKLVAPLAAEMGAAYPELVKAQEQVERVLKKEEERFAETLGQGMKILENCVAKLDGHVIPGDVVFLLYDTYGFPVDLTAD
FAREHNLSVDHAGFEVEMSAQRDRARAGGHHHHHH
;
_entity_poly.pdbx_strand_id   A,B
#
# COMPACT_ATOMS: atom_id res chain seq x y z
N MET A 1 -12.98 4.76 -34.67
CA MET A 1 -13.18 6.16 -34.28
C MET A 1 -11.87 6.75 -33.77
N THR A 2 -11.45 7.87 -34.34
CA THR A 2 -10.13 8.44 -34.04
C THR A 2 -10.15 9.05 -32.64
N SER A 3 -8.95 9.28 -32.10
CA SER A 3 -8.87 9.92 -30.78
C SER A 3 -9.52 11.30 -30.80
N ALA A 4 -9.30 12.06 -31.87
CA ALA A 4 -9.91 13.38 -31.96
C ALA A 4 -11.42 13.30 -32.01
N GLU A 5 -11.96 12.26 -32.66
CA GLU A 5 -13.42 12.11 -32.73
C GLU A 5 -14.00 11.75 -31.36
N ILE A 6 -13.29 10.91 -30.61
CA ILE A 6 -13.75 10.56 -29.26
C ILE A 6 -13.71 11.76 -28.35
N ARG A 7 -12.58 12.49 -28.36
CA ARG A 7 -12.48 13.70 -27.57
C ARG A 7 -13.64 14.62 -27.87
N ALA A 8 -13.91 14.88 -29.16
CA ALA A 8 -14.99 15.77 -29.52
C ALA A 8 -16.36 15.20 -29.15
N ALA A 9 -16.57 13.89 -29.34
CA ALA A 9 -17.86 13.29 -28.98
C ALA A 9 -18.10 13.37 -27.48
N PHE A 10 -17.07 13.12 -26.67
CA PHE A 10 -17.19 13.26 -25.22
C PHE A 10 -17.64 14.66 -24.83
N LEU A 11 -16.95 15.69 -25.34
CA LEU A 11 -17.28 17.04 -24.92
C LEU A 11 -18.68 17.43 -25.37
N GLU A 12 -19.07 17.02 -26.57
CA GLU A 12 -20.38 17.38 -27.12
C GLU A 12 -21.50 16.67 -26.36
N PHE A 13 -21.30 15.39 -26.02
CA PHE A 13 -22.24 14.65 -25.20
C PHE A 13 -22.56 15.42 -23.92
N PHE A 14 -21.53 15.91 -23.25
CA PHE A 14 -21.80 16.61 -22.01
C PHE A 14 -22.30 18.03 -22.28
N ARG A 15 -21.84 18.69 -23.36
CA ARG A 15 -22.42 19.97 -23.72
C ARG A 15 -23.93 19.84 -23.95
N GLN A 16 -24.36 18.77 -24.63
CA GLN A 16 -25.78 18.56 -24.84
C GLN A 16 -26.54 18.42 -23.53
N ARG A 17 -25.86 17.94 -22.48
CA ARG A 17 -26.46 17.80 -21.16
C ARG A 17 -26.17 19.00 -20.26
N GLY A 18 -25.91 20.16 -20.86
CA GLY A 18 -25.84 21.39 -20.12
C GLY A 18 -24.49 21.69 -19.51
N HIS A 19 -23.45 20.93 -19.86
CA HIS A 19 -22.12 21.18 -19.32
C HIS A 19 -21.42 22.27 -20.13
N ALA A 20 -20.83 23.24 -19.43
CA ALA A 20 -19.98 24.22 -20.08
C ALA A 20 -18.69 23.53 -20.51
N VAL A 21 -18.40 23.54 -21.80
CA VAL A 21 -17.15 22.98 -22.27
C VAL A 21 -16.05 24.00 -22.00
N ARG A 22 -15.10 23.64 -21.13
CA ARG A 22 -14.05 24.57 -20.77
C ARG A 22 -12.68 24.09 -21.28
N PRO A 23 -11.75 25.00 -21.54
CA PRO A 23 -10.43 24.58 -22.03
C PRO A 23 -9.63 23.87 -20.93
N SER A 24 -8.74 22.98 -21.37
CA SER A 24 -7.75 22.38 -20.48
C SER A 24 -6.98 23.50 -19.80
N SER A 25 -6.64 23.31 -18.52
CA SER A 25 -5.67 24.18 -17.91
C SER A 25 -4.25 23.76 -18.30
N SER A 26 -3.29 24.58 -17.89
CA SER A 26 -1.89 24.32 -18.16
C SER A 26 -1.41 23.13 -17.34
N LEU A 27 -0.32 22.51 -17.81
CA LEU A 27 0.37 21.50 -17.02
C LEU A 27 1.02 22.10 -15.78
N VAL A 28 1.26 23.41 -15.76
CA VAL A 28 1.85 24.08 -14.59
C VAL A 28 0.70 24.56 -13.72
N PRO A 29 0.50 23.99 -12.52
CA PRO A 29 -0.65 24.39 -11.70
C PRO A 29 -0.47 25.82 -11.21
N GLY A 30 -1.54 26.60 -11.28
CA GLY A 30 -1.46 27.99 -10.84
C GLY A 30 -1.63 28.16 -9.35
N ASN A 31 -2.67 27.52 -8.81
CA ASN A 31 -3.05 27.70 -7.40
C ASN A 31 -2.84 26.42 -6.60
N ASP A 32 -1.61 25.93 -6.58
CA ASP A 32 -1.20 24.77 -5.79
C ASP A 32 0.31 24.66 -5.91
N PRO A 33 1.05 25.39 -5.09
CA PRO A 33 2.52 25.36 -5.20
C PRO A 33 3.16 24.08 -4.73
N THR A 34 2.40 23.14 -4.18
CA THR A 34 2.94 21.87 -3.73
C THR A 34 2.78 20.76 -4.78
N LEU A 35 2.02 20.99 -5.84
CA LEU A 35 1.85 20.03 -6.92
C LEU A 35 2.85 20.33 -8.03
N LEU A 36 3.58 19.30 -8.48
CA LEU A 36 4.54 19.47 -9.59
C LEU A 36 3.82 19.85 -10.88
N PHE A 37 2.99 18.94 -11.41
CA PHE A 37 2.25 19.21 -12.63
C PHE A 37 0.78 18.84 -12.46
N THR A 38 -0.06 19.48 -13.26
CA THR A 38 -1.47 19.14 -13.34
C THR A 38 -1.63 17.66 -13.63
N ASN A 39 -2.27 16.94 -12.71
CA ASN A 39 -2.37 15.50 -12.84
C ASN A 39 -3.81 15.01 -12.98
N ALA A 40 -4.79 15.92 -13.05
CA ALA A 40 -6.18 15.51 -13.21
C ALA A 40 -6.97 16.72 -13.70
N GLY A 41 -8.13 16.45 -14.31
CA GLY A 41 -9.04 17.53 -14.67
C GLY A 41 -9.52 18.31 -13.47
N MET A 42 -9.47 17.71 -12.28
CA MET A 42 -9.96 18.36 -11.06
C MET A 42 -9.17 19.61 -10.70
N VAL A 43 -7.88 19.64 -11.05
CA VAL A 43 -6.94 20.58 -10.42
C VAL A 43 -7.40 22.01 -10.59
N GLN A 44 -7.73 22.41 -11.83
CA GLN A 44 -8.11 23.82 -12.04
C GLN A 44 -9.44 24.16 -11.40
N PHE A 45 -10.25 23.16 -11.03
CA PHE A 45 -11.55 23.43 -10.43
C PHE A 45 -11.54 23.22 -8.93
N LYS A 46 -10.37 22.96 -8.33
CA LYS A 46 -10.32 22.63 -6.91
C LYS A 46 -10.94 23.74 -6.06
N ASP A 47 -10.64 25.00 -6.40
CA ASP A 47 -11.18 26.12 -5.61
C ASP A 47 -12.68 26.27 -5.82
N VAL A 48 -13.19 25.88 -6.99
CA VAL A 48 -14.64 25.86 -7.17
C VAL A 48 -15.27 24.79 -6.30
N PHE A 49 -14.71 23.59 -6.31
CA PHE A 49 -15.23 22.54 -5.44
C PHE A 49 -15.16 22.95 -3.97
N LEU A 50 -14.11 23.69 -3.59
CA LEU A 50 -13.96 24.13 -2.21
C LEU A 50 -14.89 25.26 -1.83
N GLY A 51 -15.57 25.88 -2.80
CA GLY A 51 -16.37 27.06 -2.54
C GLY A 51 -15.60 28.35 -2.39
N ARG A 52 -14.30 28.34 -2.69
CA ARG A 52 -13.47 29.54 -2.60
C ARG A 52 -13.48 30.38 -3.88
N GLU A 53 -13.95 29.83 -4.99
CA GLU A 53 -14.04 30.54 -6.26
C GLU A 53 -15.43 30.37 -6.83
N LYS A 54 -16.01 31.47 -7.32
CA LYS A 54 -17.35 31.42 -7.91
C LYS A 54 -17.22 31.43 -9.43
N VAL A 55 -18.03 30.61 -10.10
CA VAL A 55 -18.08 30.59 -11.55
C VAL A 55 -19.54 30.61 -11.99
N ASP A 56 -19.74 31.02 -13.25
CA ASP A 56 -21.07 31.21 -13.83
C ASP A 56 -21.69 29.94 -14.35
N PHE A 57 -21.07 28.79 -14.11
CA PHE A 57 -21.64 27.51 -14.51
C PHE A 57 -21.51 26.56 -13.33
N ASN A 58 -22.47 25.66 -13.18
CA ASN A 58 -22.39 24.65 -12.13
C ASN A 58 -22.20 23.24 -12.67
N ARG A 59 -21.98 23.09 -13.99
CA ARG A 59 -21.53 21.81 -14.54
C ARG A 59 -20.60 22.07 -15.72
N ALA A 60 -19.56 21.24 -15.85
CA ALA A 60 -18.51 21.51 -16.84
C ALA A 60 -17.96 20.20 -17.41
N ALA A 61 -17.18 20.35 -18.48
CA ALA A 61 -16.52 19.23 -19.12
C ALA A 61 -15.22 19.73 -19.76
N THR A 62 -14.14 18.96 -19.61
CA THR A 62 -12.84 19.29 -20.19
C THR A 62 -12.17 18.03 -20.71
N SER A 63 -11.26 18.21 -21.66
CA SER A 63 -10.23 17.23 -21.98
C SER A 63 -8.94 17.84 -21.44
N GLN A 64 -8.45 17.31 -20.32
CA GLN A 64 -7.38 17.93 -19.56
C GLN A 64 -6.05 17.25 -19.85
N ARG A 65 -5.03 18.04 -20.21
CA ARG A 65 -3.69 17.48 -20.31
C ARG A 65 -3.10 17.29 -18.91
N CYS A 66 -2.57 16.10 -18.67
CA CYS A 66 -2.05 15.73 -17.36
C CYS A 66 -0.66 15.14 -17.53
N VAL A 67 0.18 15.33 -16.53
CA VAL A 67 1.44 14.59 -16.39
C VAL A 67 1.48 13.99 -14.99
N ARG A 68 1.75 12.69 -14.92
CA ARG A 68 1.95 11.95 -13.68
C ARG A 68 3.37 11.38 -13.75
N ALA A 69 4.33 12.17 -13.28
CA ALA A 69 5.73 11.75 -13.24
C ALA A 69 6.40 12.13 -11.93
N GLY A 70 5.60 12.40 -10.90
CA GLY A 70 6.13 12.74 -9.60
C GLY A 70 5.03 12.74 -8.58
N GLY A 71 5.43 12.60 -7.32
CA GLY A 71 4.44 12.60 -6.27
C GLY A 71 3.76 11.25 -6.14
N LYS A 72 2.49 11.31 -5.77
CA LYS A 72 1.64 10.13 -5.64
C LYS A 72 1.51 9.39 -6.97
N HIS A 73 1.24 8.08 -6.90
CA HIS A 73 1.28 7.15 -8.02
C HIS A 73 2.56 7.28 -8.86
N ASN A 74 2.70 8.33 -9.69
CA ASN A 74 3.88 8.50 -10.56
C ASN A 74 4.07 7.31 -11.50
N ASP A 75 3.72 7.51 -12.77
CA ASP A 75 3.69 6.43 -13.76
C ASP A 75 4.88 6.42 -14.70
N LEU A 76 5.92 7.20 -14.41
CA LEU A 76 7.11 7.25 -15.28
C LEU A 76 7.77 5.89 -15.38
N GLU A 77 7.83 5.14 -14.26
CA GLU A 77 8.49 3.84 -14.32
C GLU A 77 7.63 2.77 -14.99
N ASN A 78 6.33 3.02 -15.18
CA ASN A 78 5.51 2.08 -15.93
C ASN A 78 5.56 2.27 -17.43
N VAL A 79 6.01 3.44 -17.90
CA VAL A 79 5.99 3.72 -19.32
C VAL A 79 6.89 2.73 -20.06
N GLY A 80 6.33 2.11 -21.11
CA GLY A 80 7.02 1.11 -21.89
C GLY A 80 6.84 -0.31 -21.40
N TYR A 81 6.32 -0.49 -20.18
CA TYR A 81 6.18 -1.80 -19.56
C TYR A 81 4.73 -2.24 -19.49
N THR A 82 3.77 -1.33 -19.70
CA THR A 82 2.37 -1.71 -19.67
C THR A 82 1.68 -1.14 -20.88
N ALA A 83 0.50 -1.68 -21.13
CA ALA A 83 -0.30 -1.22 -22.24
C ALA A 83 -1.03 0.07 -21.92
N ARG A 84 -0.98 0.56 -20.68
CA ARG A 84 -1.95 1.55 -20.24
C ARG A 84 -1.38 2.80 -19.57
N HIS A 85 -0.06 2.91 -19.33
CA HIS A 85 0.50 4.04 -18.60
C HIS A 85 1.28 5.00 -19.49
N HIS A 86 1.04 6.30 -19.29
CA HIS A 86 1.82 7.36 -19.91
C HIS A 86 2.35 8.29 -18.83
N THR A 87 3.33 9.12 -19.23
CA THR A 87 3.56 10.33 -18.44
C THR A 87 2.49 11.37 -18.77
N PHE A 88 2.45 11.82 -20.02
CA PHE A 88 1.45 12.75 -20.50
C PHE A 88 0.22 12.00 -21.01
N PHE A 89 -0.98 12.40 -20.57
CA PHE A 89 -2.19 11.83 -21.16
C PHE A 89 -3.31 12.85 -21.02
N GLU A 90 -4.39 12.64 -21.78
CA GLU A 90 -5.56 13.51 -21.66
C GLU A 90 -6.62 12.82 -20.84
N MET A 91 -7.13 13.53 -19.85
CA MET A 91 -8.20 13.03 -18.99
C MET A 91 -9.51 13.72 -19.40
N LEU A 92 -10.44 12.94 -19.94
CA LEU A 92 -11.80 13.45 -20.21
C LEU A 92 -12.60 13.50 -18.92
N GLY A 93 -13.19 14.65 -18.62
CA GLY A 93 -13.85 14.82 -17.33
C GLY A 93 -15.17 15.56 -17.45
N ASN A 94 -16.11 15.18 -16.60
CA ASN A 94 -17.30 15.98 -16.36
C ASN A 94 -17.39 16.31 -14.87
N PHE A 95 -17.90 17.49 -14.58
CA PHE A 95 -17.83 18.03 -13.23
C PHE A 95 -19.19 18.59 -12.82
N SER A 96 -19.60 18.30 -11.58
CA SER A 96 -20.80 18.88 -11.01
C SER A 96 -20.41 19.71 -9.80
N PHE A 97 -20.69 21.01 -9.84
CA PHE A 97 -20.35 21.89 -8.72
C PHE A 97 -21.61 22.08 -7.90
N GLY A 98 -21.86 21.16 -6.97
CA GLY A 98 -23.06 21.20 -6.15
C GLY A 98 -24.34 21.10 -6.91
N ASP A 99 -24.33 20.41 -8.06
CA ASP A 99 -25.52 20.31 -8.90
C ASP A 99 -26.03 18.87 -8.88
N TYR A 100 -25.82 18.10 -9.95
CA TYR A 100 -26.23 16.70 -9.87
C TYR A 100 -25.23 15.88 -9.04
N PHE A 101 -25.60 14.62 -8.79
CA PHE A 101 -24.77 13.81 -7.91
C PHE A 101 -24.68 12.41 -8.50
N LYS A 102 -24.86 11.37 -7.67
CA LYS A 102 -24.48 10.03 -8.09
C LYS A 102 -25.34 9.52 -9.24
N ARG A 103 -26.65 9.75 -9.20
CA ARG A 103 -27.54 9.15 -10.19
C ARG A 103 -27.22 9.64 -11.59
N ASP A 104 -27.16 10.97 -11.79
CA ASP A 104 -26.86 11.49 -13.12
C ASP A 104 -25.45 11.10 -13.57
N ALA A 105 -24.48 11.18 -12.64
CA ALA A 105 -23.10 10.86 -13.00
C ALA A 105 -23.00 9.44 -13.53
N ILE A 106 -23.68 8.50 -12.87
CA ILE A 106 -23.62 7.11 -13.29
C ILE A 106 -24.33 6.93 -14.62
N ASN A 107 -25.50 7.54 -14.80
CA ASN A 107 -26.21 7.39 -16.06
C ASN A 107 -25.49 8.08 -17.19
N PHE A 108 -24.94 9.28 -16.95
CA PHE A 108 -24.14 9.95 -17.98
C PHE A 108 -23.03 9.04 -18.51
N ALA A 109 -22.30 8.38 -17.59
CA ALA A 109 -21.14 7.57 -17.98
C ALA A 109 -21.57 6.30 -18.70
N TRP A 110 -22.60 5.65 -18.19
CA TRP A 110 -23.07 4.42 -18.83
C TRP A 110 -23.66 4.73 -20.20
N ASP A 111 -24.42 5.82 -20.31
CA ASP A 111 -24.94 6.23 -21.61
C ASP A 111 -23.82 6.50 -22.60
N PHE A 112 -22.80 7.25 -22.18
CA PHE A 112 -21.73 7.57 -23.11
C PHE A 112 -21.04 6.30 -23.58
N LEU A 113 -20.72 5.39 -22.66
CA LEU A 113 -19.95 4.21 -23.03
C LEU A 113 -20.78 3.23 -23.85
N THR A 114 -22.02 2.94 -23.42
CA THR A 114 -22.79 1.87 -24.05
C THR A 114 -23.73 2.34 -25.16
N LYS A 115 -24.16 3.61 -25.15
CA LYS A 115 -25.05 4.14 -26.17
C LYS A 115 -24.33 5.03 -27.17
N GLU A 116 -23.60 6.05 -26.70
CA GLU A 116 -22.88 6.92 -27.64
C GLU A 116 -21.73 6.19 -28.30
N MET A 117 -20.91 5.48 -27.52
CA MET A 117 -19.78 4.72 -28.03
C MET A 117 -20.16 3.30 -28.44
N GLY A 118 -21.35 2.83 -28.05
CA GLY A 118 -21.80 1.51 -28.41
C GLY A 118 -20.99 0.36 -27.84
N ILE A 119 -20.30 0.56 -26.74
CA ILE A 119 -19.51 -0.53 -26.15
C ILE A 119 -20.46 -1.56 -25.52
N PRO A 120 -20.29 -2.85 -25.80
CA PRO A 120 -21.19 -3.87 -25.22
C PRO A 120 -21.03 -3.94 -23.72
N PRO A 121 -22.15 -3.86 -22.97
CA PRO A 121 -22.06 -4.02 -21.51
C PRO A 121 -21.30 -5.26 -21.08
N ALA A 122 -21.34 -6.32 -21.87
CA ALA A 122 -20.62 -7.54 -21.51
C ALA A 122 -19.11 -7.35 -21.42
N LYS A 123 -18.56 -6.31 -22.05
CA LYS A 123 -17.13 -6.05 -22.00
C LYS A 123 -16.72 -5.10 -20.88
N LEU A 124 -17.68 -4.59 -20.11
CA LEU A 124 -17.43 -3.62 -19.05
C LEU A 124 -17.57 -4.27 -17.67
N TRP A 125 -16.90 -3.66 -16.70
CA TRP A 125 -16.89 -4.14 -15.33
C TRP A 125 -16.91 -2.92 -14.42
N VAL A 126 -17.74 -2.97 -13.37
CA VAL A 126 -17.98 -1.79 -12.54
C VAL A 126 -17.51 -2.08 -11.13
N THR A 127 -16.87 -1.09 -10.50
CA THR A 127 -16.57 -1.21 -9.08
C THR A 127 -17.24 -0.08 -8.33
N VAL A 128 -17.62 -0.38 -7.10
CA VAL A 128 -18.15 0.58 -6.16
C VAL A 128 -17.37 0.42 -4.87
N PHE A 129 -17.38 1.49 -4.07
CA PHE A 129 -16.90 1.41 -2.70
C PHE A 129 -17.80 0.45 -1.92
N ASP A 130 -17.19 -0.43 -1.13
CA ASP A 130 -18.05 -1.45 -0.52
C ASP A 130 -18.94 -0.92 0.60
N GLU A 131 -18.86 0.37 0.99
CA GLU A 131 -19.81 0.94 1.93
C GLU A 131 -20.78 1.91 1.25
N ASP A 132 -20.78 1.97 -0.07
CA ASP A 132 -21.59 2.93 -0.80
C ASP A 132 -22.82 2.19 -1.31
N SER A 133 -23.87 2.12 -0.48
CA SER A 133 -25.08 1.44 -0.93
C SER A 133 -25.84 2.27 -1.96
N GLU A 134 -25.69 3.60 -1.94
CA GLU A 134 -26.36 4.43 -2.95
C GLU A 134 -25.85 4.10 -4.35
N ALA A 135 -24.52 4.11 -4.53
CA ALA A 135 -23.95 3.80 -5.83
C ALA A 135 -24.34 2.40 -6.26
N GLU A 136 -24.33 1.45 -5.31
CA GLU A 136 -24.63 0.06 -5.68
C GLU A 136 -26.08 -0.10 -6.15
N ALA A 137 -27.02 0.53 -5.44
CA ALA A 137 -28.44 0.50 -5.83
C ALA A 137 -28.66 1.13 -7.21
N ILE A 138 -28.02 2.27 -7.48
CA ILE A 138 -28.20 2.92 -8.78
C ILE A 138 -27.73 1.98 -9.90
N TRP A 139 -26.53 1.42 -9.75
CA TRP A 139 -25.99 0.51 -10.76
C TRP A 139 -26.86 -0.74 -10.91
N LEU A 140 -27.17 -1.40 -9.79
CA LEU A 140 -27.77 -2.74 -9.88
C LEU A 140 -29.27 -2.68 -10.05
N GLU A 141 -29.94 -1.69 -9.46
CA GLU A 141 -31.39 -1.64 -9.46
C GLU A 141 -31.98 -0.63 -10.44
N GLU A 142 -31.26 0.46 -10.75
CA GLU A 142 -31.76 1.46 -11.68
C GLU A 142 -31.19 1.25 -13.08
N VAL A 143 -29.87 1.36 -13.25
CA VAL A 143 -29.24 1.02 -14.52
C VAL A 143 -29.43 -0.46 -14.83
N LYS A 144 -29.37 -1.32 -13.81
CA LYS A 144 -29.59 -2.77 -13.93
C LYS A 144 -28.46 -3.45 -14.71
N ILE A 145 -27.22 -3.11 -14.35
CA ILE A 145 -26.08 -3.77 -14.99
C ILE A 145 -25.99 -5.22 -14.51
N ASP A 146 -25.23 -6.03 -15.25
CA ASP A 146 -24.93 -7.42 -14.90
C ASP A 146 -24.23 -7.45 -13.55
N PRO A 147 -24.87 -8.00 -12.51
CA PRO A 147 -24.26 -7.99 -11.17
C PRO A 147 -23.07 -8.93 -11.04
N THR A 148 -22.83 -9.80 -12.02
CA THR A 148 -21.64 -10.64 -11.99
C THR A 148 -20.39 -9.95 -12.53
N ARG A 149 -20.53 -8.76 -13.11
CA ARG A 149 -19.37 -8.01 -13.57
C ARG A 149 -19.28 -6.74 -12.74
N PHE A 150 -19.12 -6.93 -11.43
CA PHE A 150 -19.32 -5.90 -10.42
C PHE A 150 -18.52 -6.31 -9.19
N SER A 151 -17.77 -5.36 -8.64
CA SER A 151 -16.93 -5.62 -7.48
C SER A 151 -17.14 -4.53 -6.46
N ARG A 152 -17.20 -4.94 -5.18
CA ARG A 152 -17.19 -4.01 -4.05
C ARG A 152 -15.77 -3.93 -3.54
N ILE A 153 -15.22 -2.72 -3.50
CA ILE A 153 -13.79 -2.52 -3.22
C ILE A 153 -13.65 -1.61 -1.99
N GLY A 154 -12.57 -1.82 -1.23
CA GLY A 154 -12.33 -1.08 -0.01
C GLY A 154 -11.85 0.34 -0.25
N ALA A 155 -11.57 1.04 0.87
CA ALA A 155 -11.32 2.48 0.84
C ALA A 155 -10.03 2.86 0.12
N LYS A 156 -9.05 1.95 0.02
CA LYS A 156 -7.79 2.32 -0.62
C LYS A 156 -8.00 2.67 -2.08
N ASP A 157 -8.89 1.95 -2.77
CA ASP A 157 -9.12 2.19 -4.19
C ASP A 157 -10.40 2.98 -4.47
N ASN A 158 -11.41 2.90 -3.62
CA ASN A 158 -12.70 3.49 -3.97
C ASN A 158 -13.20 4.50 -2.95
N PHE A 159 -12.33 5.05 -2.10
CA PHE A 159 -12.68 6.22 -1.31
C PHE A 159 -11.64 7.30 -1.52
N TRP A 160 -12.09 8.51 -1.81
CA TRP A 160 -11.23 9.61 -2.22
C TRP A 160 -11.31 10.73 -1.18
N ALA A 161 -10.20 11.44 -0.99
CA ALA A 161 -10.17 12.64 -0.16
C ALA A 161 -9.32 13.69 -0.84
N MET A 162 -9.77 14.95 -0.81
CA MET A 162 -8.99 16.00 -1.45
C MET A 162 -7.70 16.27 -0.70
N GLY A 163 -7.71 16.04 0.60
CA GLY A 163 -6.56 16.27 1.45
C GLY A 163 -6.88 15.74 2.82
N ASP A 164 -5.99 16.01 3.77
CA ASP A 164 -6.28 15.65 5.16
C ASP A 164 -7.57 16.30 5.63
N VAL A 165 -7.83 17.52 5.21
CA VAL A 165 -9.08 18.21 5.49
C VAL A 165 -9.74 18.55 4.17
N GLY A 166 -11.06 18.70 4.21
CA GLY A 166 -11.77 19.06 3.01
C GLY A 166 -12.69 17.97 2.52
N PRO A 167 -13.20 18.13 1.30
CA PRO A 167 -14.18 17.17 0.78
C PRO A 167 -13.58 15.79 0.59
N CYS A 168 -14.44 14.78 0.75
CA CYS A 168 -14.06 13.41 0.53
C CYS A 168 -15.32 12.64 0.16
N GLY A 169 -15.13 11.40 -0.27
CA GLY A 169 -16.28 10.59 -0.60
C GLY A 169 -15.94 9.37 -1.41
N PRO A 170 -16.97 8.57 -1.69
CA PRO A 170 -16.79 7.33 -2.43
C PRO A 170 -16.62 7.55 -3.93
N CYS A 171 -16.03 6.54 -4.59
CA CYS A 171 -15.81 6.54 -6.03
C CYS A 171 -16.41 5.28 -6.62
N THR A 172 -16.79 5.37 -7.89
CA THR A 172 -17.15 4.20 -8.67
C THR A 172 -16.37 4.27 -9.96
N GLU A 173 -15.92 3.10 -10.45
CA GLU A 173 -15.00 3.01 -11.58
C GLU A 173 -15.55 2.03 -12.61
N ILE A 174 -15.30 2.34 -13.88
CA ILE A 174 -15.71 1.48 -14.98
C ILE A 174 -14.45 0.95 -15.65
N PHE A 175 -14.38 -0.38 -15.79
CA PHE A 175 -13.25 -1.05 -16.41
C PHE A 175 -13.68 -1.66 -17.74
N TYR A 176 -12.74 -1.75 -18.67
CA TYR A 176 -12.94 -2.47 -19.93
C TYR A 176 -12.15 -3.76 -19.88
N ASP A 177 -12.77 -4.86 -20.29
CA ASP A 177 -12.19 -6.20 -20.24
C ASP A 177 -11.60 -6.49 -21.60
N HIS A 178 -10.27 -6.53 -21.69
CA HIS A 178 -9.63 -6.77 -22.98
C HIS A 178 -9.59 -8.24 -23.36
N GLY A 179 -10.10 -9.15 -22.54
CA GLY A 179 -10.31 -10.51 -22.98
C GLY A 179 -9.16 -11.44 -22.66
N GLU A 180 -9.36 -12.72 -23.01
CA GLU A 180 -8.48 -13.81 -22.60
C GLU A 180 -7.08 -13.70 -23.18
N HIS A 181 -6.88 -12.92 -24.23
CA HIS A 181 -5.55 -12.78 -24.81
C HIS A 181 -4.62 -11.91 -23.98
N VAL A 182 -5.12 -11.25 -22.94
CA VAL A 182 -4.33 -10.38 -22.10
C VAL A 182 -4.33 -10.92 -20.68
N ALA A 183 -3.15 -11.00 -20.08
CA ALA A 183 -3.04 -11.48 -18.70
C ALA A 183 -3.66 -10.48 -17.73
N GLY A 184 -4.19 -11.01 -16.63
CA GLY A 184 -4.77 -10.19 -15.58
C GLY A 184 -6.15 -10.63 -15.12
N GLY A 185 -6.52 -10.23 -13.90
CA GLY A 185 -7.81 -10.56 -13.33
C GLY A 185 -8.67 -9.33 -13.13
N PRO A 186 -9.93 -9.52 -12.72
CA PRO A 186 -10.85 -8.37 -12.55
C PRO A 186 -10.48 -7.54 -11.34
N PRO A 187 -10.99 -6.31 -11.25
CA PRO A 187 -10.72 -5.47 -10.06
C PRO A 187 -11.06 -6.21 -8.78
N GLY A 188 -10.15 -6.15 -7.81
CA GLY A 188 -10.34 -6.83 -6.55
C GLY A 188 -9.70 -8.21 -6.45
N SER A 189 -9.21 -8.77 -7.58
CA SER A 189 -8.50 -10.04 -7.57
C SER A 189 -7.00 -9.82 -7.32
N PRO A 190 -6.26 -10.84 -6.90
CA PRO A 190 -4.82 -10.64 -6.66
C PRO A 190 -4.07 -10.18 -7.90
N ASP A 191 -4.56 -10.53 -9.11
CA ASP A 191 -3.94 -10.19 -10.38
C ASP A 191 -4.60 -8.98 -11.05
N GLU A 192 -5.31 -8.15 -10.28
CA GLU A 192 -6.01 -6.99 -10.82
C GLU A 192 -5.07 -6.03 -11.54
N ASP A 193 -3.77 -6.05 -11.22
CA ASP A 193 -2.82 -5.08 -11.76
C ASP A 193 -2.46 -5.36 -13.22
N GLY A 194 -2.86 -6.51 -13.77
CA GLY A 194 -2.57 -6.79 -15.17
C GLY A 194 -3.32 -5.86 -16.10
N ASP A 195 -2.94 -5.93 -17.39
CA ASP A 195 -3.51 -5.05 -18.41
C ASP A 195 -4.81 -5.59 -19.00
N ARG A 196 -5.34 -6.70 -18.48
CA ARG A 196 -6.58 -7.22 -19.07
C ARG A 196 -7.77 -6.32 -18.76
N TYR A 197 -8.02 -6.05 -17.46
CA TYR A 197 -9.11 -5.18 -17.04
C TYR A 197 -8.52 -3.81 -16.78
N ILE A 198 -8.70 -2.91 -17.73
CA ILE A 198 -8.09 -1.59 -17.67
C ILE A 198 -9.13 -0.59 -17.19
N GLU A 199 -8.74 0.22 -16.20
CA GLU A 199 -9.65 1.23 -15.70
C GLU A 199 -9.83 2.31 -16.77
N ILE A 200 -11.08 2.54 -17.18
CA ILE A 200 -11.40 3.53 -18.19
C ILE A 200 -11.88 4.84 -17.57
N TRP A 201 -12.76 4.76 -16.56
CA TRP A 201 -13.44 5.96 -16.11
C TRP A 201 -13.62 5.90 -14.61
N ASN A 202 -13.20 6.94 -13.93
CA ASN A 202 -13.29 7.02 -12.48
C ASN A 202 -14.27 8.14 -12.15
N LEU A 203 -15.28 7.82 -11.35
CA LEU A 203 -16.27 8.81 -10.92
C LEU A 203 -16.09 9.04 -9.42
N VAL A 204 -15.77 10.28 -9.04
CA VAL A 204 -15.55 10.67 -7.66
C VAL A 204 -16.76 11.46 -7.16
N PHE A 205 -17.28 11.06 -6.00
CA PHE A 205 -18.46 11.68 -5.39
C PHE A 205 -18.01 12.42 -4.14
N MET A 206 -17.97 13.76 -4.20
CA MET A 206 -17.64 14.58 -3.03
C MET A 206 -18.89 14.65 -2.18
N GLN A 207 -18.92 13.86 -1.11
CA GLN A 207 -20.11 13.64 -0.30
C GLN A 207 -20.00 14.18 1.12
N TYR A 208 -18.79 14.25 1.65
CA TYR A 208 -18.55 14.64 3.02
C TYR A 208 -17.43 15.66 3.09
N GLU A 209 -17.32 16.27 4.26
CA GLU A 209 -16.30 17.25 4.60
C GLU A 209 -15.61 16.75 5.86
N ARG A 210 -14.29 16.66 5.82
CA ARG A 210 -13.50 16.25 6.98
C ARG A 210 -12.71 17.43 7.50
N ASP A 211 -12.81 17.70 8.81
CA ASP A 211 -12.17 18.86 9.39
C ASP A 211 -10.78 18.52 9.94
N LYS A 212 -10.11 19.55 10.49
CA LYS A 212 -8.75 19.40 11.00
C LYS A 212 -8.68 18.42 12.16
N ASP A 213 -9.80 18.23 12.87
CA ASP A 213 -9.89 17.32 14.00
C ASP A 213 -10.28 15.91 13.59
N GLY A 214 -10.59 15.67 12.32
CA GLY A 214 -10.94 14.35 11.82
C GLY A 214 -12.42 14.08 11.73
N ASN A 215 -13.27 15.04 12.08
CA ASN A 215 -14.72 14.87 12.05
C ASN A 215 -15.27 14.93 10.63
N LEU A 216 -16.25 14.08 10.34
CA LEU A 216 -16.98 14.10 9.07
C LEU A 216 -18.34 14.74 9.24
N THR A 217 -18.70 15.60 8.30
CA THR A 217 -20.05 16.12 8.20
C THR A 217 -20.50 16.03 6.74
N PRO A 218 -21.81 16.05 6.47
CA PRO A 218 -22.25 15.98 5.07
C PRO A 218 -21.86 17.25 4.33
N LEU A 219 -21.45 17.09 3.09
CA LEU A 219 -21.13 18.25 2.27
C LEU A 219 -22.42 19.01 1.98
N PRO A 220 -22.44 20.35 2.15
CA PRO A 220 -23.70 21.08 1.91
C PRO A 220 -24.23 20.88 0.50
N ALA A 221 -23.39 21.02 -0.52
CA ALA A 221 -23.77 20.75 -1.90
C ALA A 221 -22.86 19.65 -2.45
N PRO A 222 -23.29 18.39 -2.41
CA PRO A 222 -22.46 17.30 -2.96
C PRO A 222 -22.08 17.58 -4.40
N SER A 223 -20.90 17.08 -4.77
CA SER A 223 -20.31 17.42 -6.06
C SER A 223 -19.74 16.17 -6.70
N VAL A 224 -19.42 16.28 -7.99
CA VAL A 224 -18.95 15.16 -8.80
C VAL A 224 -17.73 15.60 -9.59
N ASP A 225 -16.73 14.73 -9.63
CA ASP A 225 -15.57 14.91 -10.50
C ASP A 225 -15.24 13.57 -11.11
N THR A 226 -15.15 13.51 -12.45
CA THR A 226 -14.87 12.26 -13.13
C THR A 226 -13.68 12.44 -14.06
N GLY A 227 -13.06 11.32 -14.41
CA GLY A 227 -11.88 11.34 -15.25
C GLY A 227 -11.72 10.07 -16.04
N MET A 228 -11.55 10.19 -17.34
CA MET A 228 -11.42 9.04 -18.22
C MET A 228 -10.25 9.24 -19.16
N GLY A 229 -9.36 8.25 -19.24
CA GLY A 229 -8.18 8.38 -20.07
C GLY A 229 -8.55 8.29 -21.55
N LEU A 230 -8.28 9.36 -22.32
CA LEU A 230 -8.63 9.37 -23.74
C LEU A 230 -7.95 8.24 -24.49
N GLU A 231 -6.68 7.98 -24.16
CA GLU A 231 -5.90 6.96 -24.85
C GLU A 231 -6.48 5.57 -24.59
N ARG A 232 -6.92 5.30 -23.37
CA ARG A 232 -7.45 3.97 -23.05
C ARG A 232 -8.79 3.74 -23.74
N ILE A 233 -9.65 4.76 -23.77
CA ILE A 233 -10.92 4.57 -24.48
C ILE A 233 -10.67 4.57 -25.99
N ALA A 234 -9.66 5.29 -26.46
CA ALA A 234 -9.32 5.23 -27.88
C ALA A 234 -8.85 3.84 -28.29
N ALA A 235 -8.05 3.17 -27.44
CA ALA A 235 -7.65 1.80 -27.75
C ALA A 235 -8.87 0.90 -27.87
N VAL A 236 -9.80 1.01 -26.92
CA VAL A 236 -11.05 0.25 -26.98
C VAL A 236 -11.77 0.50 -28.29
N MET A 237 -11.93 1.77 -28.66
CA MET A 237 -12.71 2.12 -29.85
C MET A 237 -11.98 1.83 -31.14
N GLN A 238 -10.68 1.51 -31.09
CA GLN A 238 -9.90 1.22 -32.28
C GLN A 238 -9.49 -0.24 -32.33
N GLY A 239 -10.01 -1.06 -31.41
CA GLY A 239 -9.83 -2.49 -31.47
C GLY A 239 -8.44 -2.97 -31.11
N VAL A 240 -7.70 -2.21 -30.30
CA VAL A 240 -6.35 -2.59 -29.94
C VAL A 240 -6.27 -2.69 -28.42
N HIS A 241 -5.29 -3.45 -27.93
CA HIS A 241 -5.15 -3.66 -26.50
C HIS A 241 -4.28 -2.61 -25.82
N SER A 242 -3.35 -2.00 -26.55
CA SER A 242 -2.40 -1.08 -25.95
C SER A 242 -2.65 0.35 -26.38
N ASN A 243 -2.49 1.28 -25.43
CA ASN A 243 -2.54 2.70 -25.79
C ASN A 243 -1.58 3.03 -26.92
N TYR A 244 -0.43 2.35 -26.96
CA TYR A 244 0.61 2.70 -27.93
C TYR A 244 0.25 2.27 -29.33
N GLU A 245 -0.87 1.58 -29.50
CA GLU A 245 -1.35 1.18 -30.81
C GLU A 245 -2.45 2.06 -31.36
N ILE A 246 -2.85 3.13 -30.66
CA ILE A 246 -3.90 3.98 -31.18
C ILE A 246 -3.32 4.92 -32.22
N ASP A 247 -4.20 5.62 -32.95
CA ASP A 247 -3.79 6.47 -34.06
C ASP A 247 -2.70 7.47 -33.69
N ILE A 248 -2.82 8.16 -32.54
CA ILE A 248 -1.79 9.15 -32.18
C ILE A 248 -0.44 8.48 -32.02
N PHE A 249 -0.41 7.29 -31.42
CA PHE A 249 0.88 6.66 -31.16
C PHE A 249 1.39 5.83 -32.31
N GLN A 250 0.53 5.46 -33.26
CA GLN A 250 1.02 4.84 -34.49
C GLN A 250 1.96 5.81 -35.22
N ASN A 251 1.55 7.08 -35.31
CA ASN A 251 2.37 8.06 -36.01
C ASN A 251 3.67 8.36 -35.26
N LEU A 252 3.59 8.54 -33.94
CA LEU A 252 4.78 8.87 -33.17
C LEU A 252 5.78 7.72 -33.17
N VAL A 253 5.30 6.49 -32.98
CA VAL A 253 6.19 5.33 -32.93
C VAL A 253 6.86 5.12 -34.28
N LYS A 254 6.09 5.26 -35.38
CA LYS A 254 6.67 5.12 -36.71
C LYS A 254 7.75 6.16 -36.97
N THR A 255 7.53 7.39 -36.50
CA THR A 255 8.52 8.44 -36.70
C THR A 255 9.77 8.13 -35.90
N ALA A 256 9.62 7.70 -34.65
CA ALA A 256 10.78 7.28 -33.86
C ALA A 256 11.51 6.14 -34.54
N ALA A 257 10.76 5.16 -35.10
CA ALA A 257 11.37 4.03 -35.80
C ALA A 257 12.19 4.51 -37.01
N ALA A 258 11.66 5.49 -37.75
CA ALA A 258 12.41 6.07 -38.85
C ALA A 258 13.70 6.72 -38.35
N LEU A 259 13.64 7.44 -37.22
CA LEU A 259 14.85 8.03 -36.68
C LEU A 259 15.83 6.98 -36.19
N ALA A 260 15.34 5.81 -35.73
CA ALA A 260 16.24 4.75 -35.30
C ALA A 260 16.63 3.79 -36.42
N GLY A 261 16.08 3.95 -37.62
CA GLY A 261 16.41 3.07 -38.72
C GLY A 261 15.90 1.64 -38.57
N THR A 262 14.74 1.44 -37.93
CA THR A 262 14.22 0.11 -37.69
C THR A 262 12.79 -0.04 -38.20
N THR A 263 12.42 -1.28 -38.53
CA THR A 263 11.03 -1.62 -38.86
C THR A 263 10.29 -2.25 -37.69
N ASP A 264 10.99 -2.51 -36.59
CA ASP A 264 10.46 -3.20 -35.42
C ASP A 264 9.67 -2.21 -34.58
N LEU A 265 8.42 -1.98 -34.98
CA LEU A 265 7.54 -1.07 -34.26
C LEU A 265 7.17 -1.59 -32.86
N SER A 266 7.55 -2.81 -32.52
CA SER A 266 7.20 -3.33 -31.20
C SER A 266 8.30 -3.08 -30.17
N ASN A 267 9.39 -2.42 -30.56
CA ASN A 267 10.49 -2.18 -29.63
C ASN A 267 10.08 -1.22 -28.52
N SER A 268 10.26 -1.63 -27.27
CA SER A 268 9.71 -0.87 -26.15
C SER A 268 10.34 0.53 -26.05
N SER A 269 11.61 0.69 -26.43
CA SER A 269 12.23 2.01 -26.36
C SER A 269 11.57 2.99 -27.33
N LEU A 270 10.97 2.50 -28.43
CA LEU A 270 10.23 3.41 -29.30
C LEU A 270 8.97 3.93 -28.60
N ARG A 271 8.29 3.05 -27.85
CA ARG A 271 7.11 3.49 -27.11
C ARG A 271 7.50 4.49 -26.02
N VAL A 272 8.62 4.26 -25.32
CA VAL A 272 9.07 5.22 -24.32
C VAL A 272 9.36 6.58 -24.96
N ILE A 273 10.09 6.58 -26.07
CA ILE A 273 10.40 7.85 -26.72
C ILE A 273 9.12 8.54 -27.19
N ALA A 274 8.17 7.76 -27.72
CA ALA A 274 6.93 8.37 -28.19
C ALA A 274 6.14 8.98 -27.02
N ASP A 275 6.07 8.29 -25.89
CA ASP A 275 5.42 8.86 -24.71
C ASP A 275 6.14 10.11 -24.22
N HIS A 276 7.48 10.06 -24.15
CA HIS A 276 8.23 11.14 -23.54
C HIS A 276 8.20 12.42 -24.38
N ILE A 277 8.17 12.30 -25.72
CA ILE A 277 8.05 13.53 -26.50
C ILE A 277 6.75 14.25 -26.15
N ARG A 278 5.69 13.50 -25.83
CA ARG A 278 4.43 14.16 -25.49
C ARG A 278 4.58 14.96 -24.20
N SER A 279 5.09 14.34 -23.13
CA SER A 279 5.25 15.10 -21.91
C SER A 279 6.26 16.24 -22.08
N CYS A 280 7.40 15.97 -22.74
CA CYS A 280 8.44 16.98 -22.82
C CYS A 280 8.01 18.15 -23.70
N ALA A 281 7.40 17.87 -24.87
CA ALA A 281 7.00 18.96 -25.75
C ALA A 281 5.88 19.79 -25.13
N PHE A 282 4.88 19.15 -24.51
CA PHE A 282 3.78 19.93 -23.92
C PHE A 282 4.27 20.72 -22.71
N LEU A 283 5.19 20.15 -21.93
CA LEU A 283 5.77 20.88 -20.79
C LEU A 283 6.48 22.13 -21.27
N VAL A 284 7.30 22.02 -22.32
CA VAL A 284 7.98 23.20 -22.84
C VAL A 284 6.98 24.21 -23.40
N ALA A 285 5.97 23.72 -24.14
CA ALA A 285 4.95 24.63 -24.67
C ALA A 285 4.23 25.36 -23.55
N ASP A 286 4.11 24.73 -22.39
CA ASP A 286 3.52 25.40 -21.25
C ASP A 286 4.53 26.25 -20.48
N GLY A 287 5.75 26.36 -20.98
CA GLY A 287 6.71 27.30 -20.42
C GLY A 287 7.72 26.74 -19.45
N VAL A 288 7.76 25.42 -19.25
CA VAL A 288 8.77 24.82 -18.39
C VAL A 288 10.07 24.71 -19.17
N LEU A 289 11.18 25.07 -18.55
CA LEU A 289 12.48 24.93 -19.19
C LEU A 289 13.35 23.99 -18.37
N PRO A 290 14.24 23.24 -19.00
CA PRO A 290 15.08 22.30 -18.25
C PRO A 290 15.91 23.04 -17.22
N SER A 291 16.10 22.40 -16.06
CA SER A 291 16.89 22.99 -14.99
C SER A 291 17.25 21.89 -14.00
N ASN A 292 17.95 22.27 -12.95
CA ASN A 292 18.35 21.34 -11.91
C ASN A 292 17.50 21.50 -10.65
N GLU A 293 16.32 22.13 -10.77
CA GLU A 293 15.44 22.32 -9.64
C GLU A 293 14.00 22.05 -10.07
N GLY A 294 13.23 21.43 -9.16
CA GLY A 294 11.77 21.48 -9.25
C GLY A 294 11.20 20.96 -10.55
N ARG A 295 10.25 21.72 -11.11
CA ARG A 295 9.57 21.29 -12.34
C ARG A 295 10.54 21.18 -13.51
N GLY A 296 11.51 22.10 -13.60
CA GLY A 296 12.51 22.02 -14.66
C GLY A 296 13.38 20.78 -14.56
N TYR A 297 13.60 20.25 -13.35
CA TYR A 297 14.41 19.06 -13.23
C TYR A 297 13.62 17.82 -13.61
N VAL A 298 12.29 17.80 -13.36
CA VAL A 298 11.49 16.70 -13.87
C VAL A 298 11.53 16.67 -15.40
N LEU A 299 11.37 17.83 -16.04
CA LEU A 299 11.51 17.88 -17.50
C LEU A 299 12.89 17.40 -17.94
N ARG A 300 13.94 17.92 -17.29
CA ARG A 300 15.30 17.48 -17.64
C ARG A 300 15.44 15.96 -17.51
N ARG A 301 14.86 15.38 -16.45
CA ARG A 301 14.94 13.94 -16.26
C ARG A 301 14.26 13.19 -17.38
N ILE A 302 13.05 13.61 -17.78
CA ILE A 302 12.33 12.88 -18.82
C ILE A 302 13.05 13.02 -20.15
N VAL A 303 13.50 14.23 -20.47
CA VAL A 303 14.26 14.44 -21.72
C VAL A 303 15.46 13.51 -21.76
N ARG A 304 16.26 13.50 -20.68
CA ARG A 304 17.50 12.72 -20.70
C ARG A 304 17.22 11.23 -20.74
N ARG A 305 16.13 10.78 -20.11
CA ARG A 305 15.77 9.36 -20.23
C ARG A 305 15.35 9.02 -21.67
N ALA A 306 14.66 9.94 -22.36
CA ALA A 306 14.38 9.70 -23.77
C ALA A 306 15.67 9.58 -24.58
N ILE A 307 16.63 10.48 -24.34
CA ILE A 307 17.91 10.43 -25.07
C ILE A 307 18.60 9.10 -24.83
N ARG A 308 18.59 8.64 -23.57
CA ARG A 308 19.22 7.37 -23.25
C ARG A 308 18.58 6.23 -24.01
N HIS A 309 17.26 6.29 -24.22
CA HIS A 309 16.63 5.24 -25.01
C HIS A 309 17.02 5.33 -26.48
N GLY A 310 17.24 6.55 -26.98
CA GLY A 310 17.76 6.68 -28.34
C GLY A 310 19.15 6.08 -28.48
N TYR A 311 20.01 6.33 -27.48
CA TYR A 311 21.32 5.68 -27.43
C TYR A 311 21.18 4.17 -27.46
N ARG A 312 20.25 3.63 -26.67
CA ARG A 312 20.02 2.19 -26.66
C ARG A 312 19.62 1.68 -28.04
N LEU A 313 18.84 2.48 -28.78
CA LEU A 313 18.44 2.12 -30.13
C LEU A 313 19.53 2.34 -31.16
N GLY A 314 20.66 2.93 -30.78
CA GLY A 314 21.72 3.17 -31.72
C GLY A 314 21.60 4.45 -32.52
N ILE A 315 20.71 5.37 -32.13
CA ILE A 315 20.62 6.62 -32.85
C ILE A 315 21.91 7.42 -32.65
N GLN A 316 22.50 7.88 -33.75
CA GLN A 316 23.83 8.48 -33.67
C GLN A 316 23.81 10.01 -33.73
N ASP A 317 22.67 10.62 -34.06
CA ASP A 317 22.59 12.07 -34.15
C ASP A 317 21.43 12.59 -33.31
N THR A 318 21.54 13.88 -32.95
CA THR A 318 20.49 14.55 -32.19
C THR A 318 19.14 14.27 -32.83
N PHE A 319 18.17 13.84 -32.03
CA PHE A 319 16.95 13.29 -32.64
C PHE A 319 15.64 13.68 -31.96
N PHE A 320 15.63 13.93 -30.65
CA PHE A 320 14.37 13.99 -29.88
C PHE A 320 13.49 15.14 -30.34
N TYR A 321 14.10 16.30 -30.64
CA TYR A 321 13.35 17.48 -31.07
C TYR A 321 12.64 17.26 -32.40
N LYS A 322 13.04 16.27 -33.19
CA LYS A 322 12.42 15.99 -34.47
C LYS A 322 11.04 15.37 -34.33
N LEU A 323 10.69 14.89 -33.15
CA LEU A 323 9.36 14.35 -32.95
C LEU A 323 8.35 15.43 -32.57
N VAL A 324 8.80 16.67 -32.34
CA VAL A 324 7.86 17.76 -32.08
C VAL A 324 6.93 17.97 -33.27
N ALA A 325 7.47 17.89 -34.49
CA ALA A 325 6.66 18.18 -35.66
C ALA A 325 5.51 17.20 -35.84
N PRO A 326 5.73 15.87 -35.84
CA PRO A 326 4.59 14.97 -35.95
C PRO A 326 3.63 15.06 -34.78
N LEU A 327 4.14 15.38 -33.58
CA LEU A 327 3.24 15.59 -32.45
C LEU A 327 2.30 16.76 -32.72
N ALA A 328 2.83 17.88 -33.22
CA ALA A 328 2.00 19.06 -33.51
C ALA A 328 1.01 18.77 -34.62
N ALA A 329 1.43 18.06 -35.66
CA ALA A 329 0.50 17.70 -36.72
C ALA A 329 -0.64 16.84 -36.20
N GLU A 330 -0.34 15.98 -35.22
CA GLU A 330 -1.33 15.04 -34.72
C GLU A 330 -2.27 15.71 -33.71
N MET A 331 -1.75 16.60 -32.87
CA MET A 331 -2.53 17.14 -31.76
C MET A 331 -2.72 18.65 -31.81
N GLY A 332 -2.24 19.31 -32.86
CA GLY A 332 -2.24 20.76 -32.91
C GLY A 332 -3.62 21.37 -33.06
N ALA A 333 -4.55 20.67 -33.68
CA ALA A 333 -5.91 21.17 -33.76
C ALA A 333 -6.53 21.32 -32.37
N ALA A 334 -6.35 20.30 -31.52
CA ALA A 334 -6.87 20.38 -30.16
C ALA A 334 -6.02 21.28 -29.27
N TYR A 335 -4.75 21.44 -29.58
CA TYR A 335 -3.81 22.16 -28.73
C TYR A 335 -3.03 23.13 -29.60
N PRO A 336 -3.66 24.22 -30.04
CA PRO A 336 -2.98 25.15 -30.96
C PRO A 336 -1.72 25.75 -30.38
N GLU A 337 -1.59 25.86 -29.04
CA GLU A 337 -0.37 26.44 -28.49
C GLU A 337 0.86 25.61 -28.86
N LEU A 338 0.69 24.31 -29.05
CA LEU A 338 1.80 23.48 -29.53
C LEU A 338 2.25 23.91 -30.93
N VAL A 339 1.30 24.24 -31.80
CA VAL A 339 1.65 24.73 -33.13
C VAL A 339 2.37 26.07 -33.03
N LYS A 340 1.84 26.99 -32.22
CA LYS A 340 2.45 28.31 -32.06
C LYS A 340 3.87 28.21 -31.50
N ALA A 341 4.10 27.28 -30.58
CA ALA A 341 5.39 27.15 -29.90
C ALA A 341 6.33 26.15 -30.57
N GLN A 342 5.98 25.63 -31.74
CA GLN A 342 6.70 24.44 -32.24
C GLN A 342 8.20 24.68 -32.36
N GLU A 343 8.61 25.75 -33.03
CA GLU A 343 10.05 26.02 -33.18
C GLU A 343 10.71 26.28 -31.82
N GLN A 344 10.02 26.99 -30.91
CA GLN A 344 10.61 27.21 -29.59
C GLN A 344 10.78 25.90 -28.83
N VAL A 345 9.79 25.01 -28.93
CA VAL A 345 9.89 23.70 -28.30
C VAL A 345 11.06 22.91 -28.90
N GLU A 346 11.14 22.90 -30.23
CA GLU A 346 12.25 22.21 -30.89
C GLU A 346 13.59 22.73 -30.41
N ARG A 347 13.75 24.05 -30.33
CA ARG A 347 15.06 24.57 -29.94
C ARG A 347 15.41 24.18 -28.50
N VAL A 348 14.44 24.26 -27.59
CA VAL A 348 14.67 23.90 -26.19
C VAL A 348 15.09 22.44 -26.07
N LEU A 349 14.38 21.54 -26.78
CA LEU A 349 14.69 20.12 -26.64
C LEU A 349 16.00 19.78 -27.33
N LYS A 350 16.26 20.39 -28.49
CA LYS A 350 17.56 20.19 -29.15
C LYS A 350 18.70 20.62 -28.25
N LYS A 351 18.61 21.80 -27.65
CA LYS A 351 19.69 22.29 -26.81
C LYS A 351 19.92 21.36 -25.63
N GLU A 352 18.84 20.86 -25.02
CA GLU A 352 19.02 19.93 -23.90
C GLU A 352 19.67 18.64 -24.34
N GLU A 353 19.25 18.08 -25.49
CA GLU A 353 19.88 16.85 -25.92
C GLU A 353 21.36 17.09 -26.22
N GLU A 354 21.70 18.24 -26.81
CA GLU A 354 23.10 18.57 -27.08
C GLU A 354 23.88 18.74 -25.79
N ARG A 355 23.30 19.44 -24.80
CA ARG A 355 23.98 19.60 -23.53
C ARG A 355 24.30 18.23 -22.91
N PHE A 356 23.33 17.30 -22.95
CA PHE A 356 23.53 15.97 -22.37
C PHE A 356 24.52 15.14 -23.18
N ALA A 357 24.54 15.30 -24.52
CA ALA A 357 25.42 14.49 -25.37
C ALA A 357 26.90 14.70 -25.05
N GLU A 358 27.23 15.82 -24.41
CA GLU A 358 28.60 16.04 -23.94
C GLU A 358 29.08 14.93 -23.02
N THR A 359 28.18 14.31 -22.24
CA THR A 359 28.60 13.31 -21.28
C THR A 359 27.92 11.97 -21.44
N LEU A 360 26.83 11.87 -22.19
CA LEU A 360 26.09 10.62 -22.29
C LEU A 360 26.99 9.47 -22.75
N GLY A 361 27.76 9.70 -23.82
CA GLY A 361 28.59 8.62 -24.35
C GLY A 361 29.61 8.11 -23.35
N GLN A 362 30.27 9.02 -22.64
CA GLN A 362 31.26 8.61 -21.65
C GLN A 362 30.61 7.93 -20.45
N GLY A 363 29.50 8.48 -19.95
CA GLY A 363 28.80 7.82 -18.85
C GLY A 363 28.31 6.44 -19.24
N MET A 364 27.82 6.29 -20.46
CA MET A 364 27.36 4.98 -20.86
C MET A 364 28.49 3.97 -20.91
N LYS A 365 29.70 4.40 -21.27
CA LYS A 365 30.84 3.50 -21.23
C LYS A 365 31.12 3.03 -19.80
N ILE A 366 31.11 3.95 -18.85
CA ILE A 366 31.25 3.58 -17.44
C ILE A 366 30.17 2.58 -17.05
N LEU A 367 28.91 2.88 -17.39
CA LEU A 367 27.80 2.01 -17.01
C LEU A 367 27.93 0.63 -17.63
N GLU A 368 28.25 0.57 -18.93
CA GLU A 368 28.40 -0.72 -19.60
C GLU A 368 29.56 -1.51 -19.01
N ASN A 369 30.64 -0.80 -18.70
CA ASN A 369 31.80 -1.44 -18.08
C ASN A 369 31.46 -1.93 -16.68
N CYS A 370 30.78 -1.10 -15.89
CA CYS A 370 30.36 -1.51 -14.56
C CYS A 370 29.49 -2.75 -14.61
N VAL A 371 28.53 -2.81 -15.54
CA VAL A 371 27.69 -3.99 -15.68
C VAL A 371 28.51 -5.22 -16.04
N ALA A 372 29.52 -5.05 -16.91
CA ALA A 372 30.28 -6.20 -17.38
C ALA A 372 31.07 -6.85 -16.24
N LYS A 373 31.56 -6.03 -15.32
CA LYS A 373 32.41 -6.51 -14.23
C LYS A 373 31.68 -6.69 -12.91
N LEU A 374 30.37 -6.44 -12.86
CA LEU A 374 29.71 -6.29 -11.57
C LEU A 374 29.50 -7.64 -10.90
N ASP A 375 29.89 -7.72 -9.64
CA ASP A 375 29.55 -8.85 -8.77
C ASP A 375 28.26 -8.51 -8.05
N GLY A 376 27.23 -9.30 -8.29
CA GLY A 376 25.96 -9.09 -7.66
C GLY A 376 24.96 -8.42 -8.59
N HIS A 377 23.91 -7.89 -7.98
CA HIS A 377 22.75 -7.41 -8.72
C HIS A 377 22.50 -5.92 -8.51
N VAL A 378 23.40 -5.21 -7.82
CA VAL A 378 23.20 -3.83 -7.41
C VAL A 378 24.35 -2.96 -7.93
N ILE A 379 24.03 -1.93 -8.72
CA ILE A 379 25.06 -0.95 -9.05
C ILE A 379 25.44 -0.16 -7.80
N PRO A 380 26.73 -0.04 -7.46
CA PRO A 380 27.12 0.59 -6.20
C PRO A 380 26.86 2.09 -6.22
N GLY A 381 26.69 2.63 -5.01
CA GLY A 381 26.32 4.03 -4.89
C GLY A 381 27.36 5.00 -5.41
N ASP A 382 28.64 4.64 -5.31
CA ASP A 382 29.66 5.58 -5.79
C ASP A 382 29.63 5.70 -7.30
N VAL A 383 29.33 4.60 -8.00
CA VAL A 383 29.14 4.69 -9.45
C VAL A 383 27.89 5.53 -9.77
N VAL A 384 26.80 5.31 -9.02
CA VAL A 384 25.60 6.13 -9.24
C VAL A 384 25.92 7.60 -9.03
N PHE A 385 26.64 7.92 -7.95
CA PHE A 385 26.98 9.31 -7.68
C PHE A 385 27.92 9.87 -8.75
N LEU A 386 28.89 9.07 -9.21
CA LEU A 386 29.78 9.54 -10.27
C LEU A 386 28.99 9.94 -11.51
N LEU A 387 28.09 9.04 -11.94
CA LEU A 387 27.28 9.29 -13.13
C LEU A 387 26.43 10.54 -12.95
N TYR A 388 25.92 10.75 -11.74
CA TYR A 388 25.12 11.92 -11.44
C TYR A 388 25.96 13.18 -11.40
N ASP A 389 27.02 13.18 -10.59
CA ASP A 389 27.73 14.41 -10.26
C ASP A 389 28.65 14.85 -11.39
N THR A 390 29.32 13.93 -12.05
CA THR A 390 30.23 14.28 -13.13
C THR A 390 29.60 14.16 -14.52
N TYR A 391 28.69 13.22 -14.75
CA TYR A 391 28.19 13.00 -16.09
C TYR A 391 26.73 13.45 -16.28
N GLY A 392 26.11 14.01 -15.25
CA GLY A 392 24.77 14.55 -15.41
C GLY A 392 23.67 13.53 -15.59
N PHE A 393 23.87 12.30 -15.07
CA PHE A 393 22.88 11.23 -15.16
C PHE A 393 21.96 11.32 -13.94
N PRO A 394 20.69 11.66 -14.09
CA PRO A 394 19.78 11.55 -12.92
C PRO A 394 19.75 10.11 -12.41
N VAL A 395 19.59 9.99 -11.08
CA VAL A 395 19.63 8.65 -10.48
C VAL A 395 18.63 7.73 -11.17
N ASP A 396 17.42 8.24 -11.45
CA ASP A 396 16.39 7.38 -12.05
C ASP A 396 16.70 6.98 -13.50
N LEU A 397 17.51 7.77 -14.21
CA LEU A 397 17.97 7.33 -15.52
C LEU A 397 18.92 6.14 -15.39
N THR A 398 19.89 6.24 -14.47
CA THR A 398 20.77 5.11 -14.20
C THR A 398 19.98 3.89 -13.76
N ALA A 399 18.99 4.08 -12.87
CA ALA A 399 18.16 2.96 -12.44
C ALA A 399 17.35 2.39 -13.59
N ASP A 400 16.93 3.24 -14.53
CA ASP A 400 16.18 2.74 -15.68
C ASP A 400 17.07 1.87 -16.57
N PHE A 401 18.31 2.31 -16.83
CA PHE A 401 19.27 1.42 -17.50
C PHE A 401 19.46 0.12 -16.72
N ALA A 402 19.60 0.23 -15.41
CA ALA A 402 19.90 -0.95 -14.57
C ALA A 402 18.80 -2.01 -14.69
N ARG A 403 17.53 -1.62 -14.61
CA ARG A 403 16.50 -2.64 -14.65
C ARG A 403 16.45 -3.36 -16.00
N GLU A 404 16.91 -2.73 -17.08
CA GLU A 404 17.01 -3.43 -18.36
C GLU A 404 18.01 -4.57 -18.32
N HIS A 405 18.92 -4.58 -17.36
CA HIS A 405 19.91 -5.63 -17.25
C HIS A 405 19.67 -6.49 -16.01
N ASN A 406 18.45 -6.48 -15.50
CA ASN A 406 18.07 -7.20 -14.29
C ASN A 406 18.91 -6.72 -13.11
N LEU A 407 19.15 -5.42 -13.05
CA LEU A 407 19.95 -4.83 -11.99
C LEU A 407 19.16 -3.74 -11.29
N SER A 408 19.58 -3.45 -10.05
CA SER A 408 19.06 -2.34 -9.27
C SER A 408 20.21 -1.39 -8.96
N VAL A 409 19.90 -0.25 -8.31
CA VAL A 409 20.94 0.69 -7.92
C VAL A 409 20.86 0.92 -6.42
N ASP A 410 22.00 1.25 -5.82
CA ASP A 410 22.09 1.47 -4.37
C ASP A 410 21.70 2.91 -4.03
N HIS A 411 20.40 3.14 -3.84
CA HIS A 411 19.92 4.49 -3.55
C HIS A 411 20.47 5.02 -2.23
N ALA A 412 20.50 4.19 -1.19
CA ALA A 412 21.03 4.65 0.09
C ALA A 412 22.51 5.00 -0.04
N GLY A 413 23.27 4.16 -0.75
CA GLY A 413 24.66 4.47 -1.00
C GLY A 413 24.85 5.76 -1.78
N PHE A 414 23.95 6.04 -2.72
CA PHE A 414 24.03 7.31 -3.44
C PHE A 414 23.82 8.48 -2.49
N GLU A 415 22.83 8.37 -1.60
CA GLU A 415 22.57 9.44 -0.64
C GLU A 415 23.72 9.64 0.33
N VAL A 416 24.41 8.54 0.70
CA VAL A 416 25.60 8.66 1.53
C VAL A 416 26.67 9.44 0.80
N GLU A 417 26.84 9.17 -0.50
CA GLU A 417 27.82 9.93 -1.29
C GLU A 417 27.45 11.41 -1.37
N MET A 418 26.16 11.71 -1.52
CA MET A 418 25.72 13.11 -1.55
C MET A 418 26.06 13.82 -0.24
N SER A 419 25.81 13.16 0.89
CA SER A 419 26.15 13.74 2.19
C SER A 419 27.65 13.94 2.33
N ALA A 420 28.44 12.95 1.89
CA ALA A 420 29.88 13.10 1.95
C ALA A 420 30.34 14.29 1.11
N GLN A 421 29.66 14.53 -0.02
CA GLN A 421 30.03 15.67 -0.85
C GLN A 421 29.74 16.98 -0.14
N ARG A 422 28.56 17.10 0.48
CA ARG A 422 28.23 18.29 1.24
C ARG A 422 29.26 18.57 2.32
N ASP A 423 29.75 17.52 2.99
CA ASP A 423 30.78 17.67 4.02
C ASP A 423 32.10 18.19 3.46
N ARG A 424 32.46 17.79 2.24
CA ARG A 424 33.68 18.31 1.63
C ARG A 424 33.54 19.80 1.27
N ALA A 425 32.31 20.29 1.19
CA ALA A 425 32.07 21.71 0.89
C ALA A 425 31.89 22.52 2.18
N MET B 1 8.13 -30.71 19.78
CA MET B 1 8.80 -29.77 20.68
C MET B 1 7.81 -28.71 21.16
N THR B 2 7.69 -28.50 22.48
CA THR B 2 6.69 -27.59 23.00
C THR B 2 7.10 -26.13 22.76
N SER B 3 6.12 -25.22 22.87
CA SER B 3 6.40 -23.80 22.75
C SER B 3 7.37 -23.34 23.83
N ALA B 4 7.21 -23.85 25.06
CA ALA B 4 8.09 -23.48 26.15
C ALA B 4 9.52 -23.95 25.88
N GLU B 5 9.67 -25.11 25.22
CA GLU B 5 10.99 -25.61 24.89
C GLU B 5 11.63 -24.77 23.79
N ILE B 6 10.83 -24.33 22.81
CA ILE B 6 11.35 -23.47 21.76
C ILE B 6 11.79 -22.14 22.35
N ARG B 7 10.94 -21.53 23.17
CA ARG B 7 11.28 -20.26 23.80
C ARG B 7 12.59 -20.40 24.57
N ALA B 8 12.71 -21.45 25.40
CA ALA B 8 13.92 -21.62 26.21
C ALA B 8 15.14 -21.92 25.33
N ALA B 9 14.96 -22.71 24.28
CA ALA B 9 16.07 -23.00 23.37
C ALA B 9 16.54 -21.75 22.64
N PHE B 10 15.61 -20.91 22.17
CA PHE B 10 15.97 -19.67 21.51
C PHE B 10 16.86 -18.82 22.41
N LEU B 11 16.42 -18.60 23.65
CA LEU B 11 17.18 -17.72 24.54
C LEU B 11 18.54 -18.33 24.87
N GLU B 12 18.59 -19.66 25.04
CA GLU B 12 19.84 -20.31 25.40
C GLU B 12 20.85 -20.29 24.24
N PHE B 13 20.35 -20.53 23.02
CA PHE B 13 21.18 -20.43 21.83
C PHE B 13 21.89 -19.08 21.77
N PHE B 14 21.14 -18.00 21.99
CA PHE B 14 21.78 -16.69 21.92
C PHE B 14 22.59 -16.38 23.18
N ARG B 15 22.17 -16.89 24.35
CA ARG B 15 23.01 -16.74 25.54
C ARG B 15 24.38 -17.39 25.34
N GLN B 16 24.43 -18.58 24.73
CA GLN B 16 25.71 -19.23 24.46
C GLN B 16 26.59 -18.39 23.56
N ARG B 17 25.98 -17.55 22.72
CA ARG B 17 26.71 -16.66 21.83
C ARG B 17 26.86 -15.26 22.42
N GLY B 18 26.80 -15.14 23.73
CA GLY B 18 27.17 -13.91 24.41
C GLY B 18 26.06 -12.89 24.54
N HIS B 19 24.82 -13.26 24.25
CA HIS B 19 23.69 -12.34 24.40
C HIS B 19 23.20 -12.37 25.84
N ALA B 20 23.00 -11.20 26.43
CA ALA B 20 22.35 -11.12 27.73
C ALA B 20 20.87 -11.42 27.56
N VAL B 21 20.37 -12.43 28.28
CA VAL B 21 18.94 -12.73 28.31
C VAL B 21 18.27 -11.73 29.23
N ARG B 22 17.39 -10.91 28.66
CA ARG B 22 16.71 -9.86 29.41
C ARG B 22 15.21 -10.15 29.49
N PRO B 23 14.53 -9.69 30.55
CA PRO B 23 13.09 -9.94 30.66
C PRO B 23 12.32 -9.10 29.65
N SER B 24 11.18 -9.64 29.23
CA SER B 24 10.22 -8.89 28.44
C SER B 24 9.84 -7.61 29.16
N SER B 25 9.66 -6.54 28.40
CA SER B 25 9.05 -5.35 28.98
C SER B 25 7.53 -5.51 29.05
N SER B 26 6.89 -4.55 29.69
CA SER B 26 5.44 -4.57 29.81
C SER B 26 4.79 -4.27 28.46
N LEU B 27 3.51 -4.66 28.33
CA LEU B 27 2.75 -4.27 27.16
C LEU B 27 2.46 -2.77 27.13
N VAL B 28 2.53 -2.10 28.28
CA VAL B 28 2.35 -0.65 28.34
C VAL B 28 3.74 -0.02 28.22
N PRO B 29 4.01 0.75 27.15
CA PRO B 29 5.34 1.36 27.00
C PRO B 29 5.60 2.39 28.08
N GLY B 30 6.83 2.40 28.60
CA GLY B 30 7.15 3.36 29.63
C GLY B 30 7.50 4.71 29.07
N ASN B 31 8.35 4.73 28.05
CA ASN B 31 8.90 5.96 27.50
C ASN B 31 8.42 6.21 26.08
N ASP B 32 7.09 6.30 25.90
CA ASP B 32 6.48 6.59 24.60
C ASP B 32 4.98 6.80 24.76
N PRO B 33 4.52 8.02 25.01
CA PRO B 33 3.07 8.24 25.16
C PRO B 33 2.31 8.15 23.84
N THR B 34 3.01 7.99 22.71
CA THR B 34 2.42 7.90 21.38
C THR B 34 2.19 6.47 20.90
N LEU B 35 2.76 5.48 21.57
CA LEU B 35 2.55 4.08 21.20
C LEU B 35 1.46 3.49 22.08
N LEU B 36 0.50 2.81 21.45
CA LEU B 36 -0.56 2.15 22.22
C LEU B 36 0.00 1.07 23.12
N PHE B 37 0.51 -0.01 22.51
CA PHE B 37 1.07 -1.14 23.24
C PHE B 37 2.41 -1.57 22.64
N THR B 38 3.24 -2.16 23.49
CA THR B 38 4.49 -2.73 23.03
C THR B 38 4.21 -3.72 21.91
N ASN B 39 4.74 -3.44 20.73
CA ASN B 39 4.40 -4.21 19.53
C ASN B 39 5.60 -4.92 18.91
N ALA B 40 6.77 -4.86 19.55
CA ALA B 40 7.97 -5.52 19.04
C ALA B 40 8.97 -5.66 20.18
N GLY B 41 9.92 -6.58 20.02
CA GLY B 41 11.01 -6.65 20.99
C GLY B 41 11.85 -5.39 21.04
N MET B 42 11.84 -4.62 19.93
CA MET B 42 12.68 -3.42 19.82
C MET B 42 12.31 -2.34 20.84
N VAL B 43 11.02 -2.28 21.23
CA VAL B 43 10.50 -1.08 21.88
C VAL B 43 11.31 -0.71 23.11
N GLN B 44 11.58 -1.66 24.00
CA GLN B 44 12.29 -1.31 25.22
C GLN B 44 13.75 -0.96 24.97
N PHE B 45 14.30 -1.29 23.80
CA PHE B 45 15.70 -1.02 23.49
C PHE B 45 15.86 0.19 22.58
N LYS B 46 14.78 0.91 22.29
CA LYS B 46 14.85 2.01 21.33
C LYS B 46 15.87 3.05 21.74
N ASP B 47 15.89 3.44 23.02
CA ASP B 47 16.85 4.45 23.46
C ASP B 47 18.28 3.91 23.48
N VAL B 48 18.46 2.60 23.65
CA VAL B 48 19.81 2.05 23.51
C VAL B 48 20.27 2.15 22.06
N PHE B 49 19.41 1.76 21.11
CA PHE B 49 19.77 1.86 19.69
C PHE B 49 20.09 3.28 19.28
N LEU B 50 19.37 4.25 19.85
CA LEU B 50 19.58 5.66 19.53
C LEU B 50 20.82 6.23 20.20
N GLY B 51 21.45 5.49 21.11
CA GLY B 51 22.55 6.03 21.87
C GLY B 51 22.16 6.93 23.00
N ARG B 52 20.87 7.01 23.33
CA ARG B 52 20.39 7.86 24.41
C ARG B 52 20.44 7.18 25.77
N GLU B 53 20.56 5.85 25.81
CA GLU B 53 20.65 5.10 27.05
C GLU B 53 21.80 4.12 26.91
N LYS B 54 22.66 4.05 27.92
CA LYS B 54 23.77 3.12 27.93
C LYS B 54 23.45 1.97 28.88
N VAL B 55 23.79 0.75 28.43
CA VAL B 55 23.62 -0.46 29.22
C VAL B 55 24.94 -1.23 29.17
N ASP B 56 25.13 -2.14 30.13
CA ASP B 56 26.39 -2.86 30.28
C ASP B 56 26.47 -4.12 29.40
N PHE B 57 25.63 -4.27 28.40
CA PHE B 57 25.72 -5.34 27.44
C PHE B 57 25.58 -4.75 26.05
N ASN B 58 26.28 -5.33 25.07
CA ASN B 58 26.10 -4.85 23.69
C ASN B 58 25.39 -5.86 22.81
N ARG B 59 24.90 -6.97 23.38
CA ARG B 59 24.00 -7.86 22.66
C ARG B 59 23.02 -8.47 23.66
N ALA B 60 21.78 -8.69 23.20
CA ALA B 60 20.73 -9.13 24.10
C ALA B 60 19.77 -10.06 23.35
N ALA B 61 18.92 -10.74 24.12
CA ALA B 61 17.90 -11.61 23.55
C ALA B 61 16.71 -11.61 24.51
N THR B 62 15.50 -11.52 23.96
CA THR B 62 14.28 -11.51 24.76
C THR B 62 13.22 -12.34 24.06
N SER B 63 12.25 -12.81 24.85
CA SER B 63 10.95 -13.24 24.35
C SER B 63 9.96 -12.16 24.81
N GLN B 64 9.58 -11.27 23.90
CA GLN B 64 8.82 -10.06 24.23
C GLN B 64 7.34 -10.30 23.99
N ARG B 65 6.52 -10.03 25.00
CA ARG B 65 5.09 -10.06 24.75
C ARG B 65 4.68 -8.82 23.98
N CYS B 66 3.90 -9.02 22.92
CA CYS B 66 3.50 -7.93 22.03
C CYS B 66 1.99 -7.99 21.84
N VAL B 67 1.40 -6.81 21.64
CA VAL B 67 0.04 -6.73 21.12
C VAL B 67 0.02 -5.80 19.92
N ARG B 68 -0.56 -6.29 18.82
CA ARG B 68 -0.78 -5.54 17.60
C ARG B 68 -2.29 -5.42 17.38
N ALA B 69 -2.85 -4.37 17.96
CA ALA B 69 -4.27 -4.07 17.83
C ALA B 69 -4.50 -2.57 17.57
N GLY B 70 -3.49 -1.86 17.10
CA GLY B 70 -3.60 -0.43 16.81
C GLY B 70 -2.41 0.03 16.01
N GLY B 71 -2.59 1.17 15.33
CA GLY B 71 -1.60 1.72 14.41
C GLY B 71 -1.69 1.03 13.06
N LYS B 72 -0.60 1.07 12.29
CA LYS B 72 -0.56 0.32 11.03
C LYS B 72 -0.38 -1.17 11.26
N HIS B 73 0.20 -1.54 12.40
CA HIS B 73 0.46 -2.93 12.75
C HIS B 73 -0.75 -3.46 13.53
N ASN B 74 -1.89 -3.48 12.87
CA ASN B 74 -3.14 -3.85 13.53
C ASN B 74 -3.67 -5.12 12.88
N ASP B 75 -3.44 -6.23 13.57
CA ASP B 75 -3.81 -7.56 13.11
C ASP B 75 -5.09 -8.06 13.76
N LEU B 76 -5.81 -7.18 14.45
CA LEU B 76 -7.05 -7.59 15.11
C LEU B 76 -8.05 -8.14 14.09
N GLU B 77 -8.14 -7.50 12.91
CA GLU B 77 -9.10 -7.97 11.90
C GLU B 77 -8.65 -9.24 11.19
N ASN B 78 -7.39 -9.64 11.32
CA ASN B 78 -6.95 -10.91 10.74
C ASN B 78 -7.22 -12.08 11.66
N VAL B 79 -7.41 -11.83 12.97
CA VAL B 79 -7.59 -12.91 13.93
C VAL B 79 -8.87 -13.66 13.61
N GLY B 80 -8.77 -14.99 13.53
CA GLY B 80 -9.90 -15.79 13.15
C GLY B 80 -10.03 -16.00 11.66
N TYR B 81 -9.29 -15.24 10.86
CA TYR B 81 -9.35 -15.32 9.41
C TYR B 81 -8.08 -15.86 8.77
N THR B 82 -6.98 -15.93 9.50
CA THR B 82 -5.75 -16.49 8.95
C THR B 82 -5.18 -17.47 9.95
N ALA B 83 -4.24 -18.29 9.46
CA ALA B 83 -3.58 -19.27 10.32
C ALA B 83 -2.47 -18.67 11.16
N ARG B 84 -2.14 -17.39 10.96
CA ARG B 84 -0.86 -16.87 11.42
C ARG B 84 -0.93 -15.60 12.24
N HIS B 85 -2.10 -14.98 12.43
CA HIS B 85 -2.19 -13.69 13.11
C HIS B 85 -2.81 -13.81 14.49
N HIS B 86 -2.21 -13.10 15.45
CA HIS B 86 -2.76 -12.92 16.79
C HIS B 86 -2.85 -11.46 17.12
N THR B 87 -3.63 -11.17 18.17
CA THR B 87 -3.44 -9.89 18.84
C THR B 87 -2.21 -9.96 19.75
N PHE B 88 -2.25 -10.85 20.74
CA PHE B 88 -1.12 -11.08 21.64
C PHE B 88 -0.22 -12.17 21.07
N PHE B 89 1.08 -11.92 21.01
CA PHE B 89 2.03 -12.96 20.65
C PHE B 89 3.37 -12.63 21.28
N GLU B 90 4.24 -13.63 21.31
CA GLU B 90 5.59 -13.45 21.81
C GLU B 90 6.55 -13.37 20.63
N MET B 91 7.36 -12.31 20.62
CA MET B 91 8.37 -12.09 19.60
C MET B 91 9.70 -12.49 20.20
N LEU B 92 10.28 -13.55 19.66
CA LEU B 92 11.64 -13.96 19.99
C LEU B 92 12.62 -13.06 19.23
N GLY B 93 13.52 -12.40 19.95
CA GLY B 93 14.41 -11.44 19.31
C GLY B 93 15.84 -11.53 19.82
N ASN B 94 16.77 -11.26 18.92
CA ASN B 94 18.15 -10.98 19.30
C ASN B 94 18.54 -9.60 18.79
N PHE B 95 19.37 -8.90 19.56
CA PHE B 95 19.71 -7.50 19.32
C PHE B 95 21.22 -7.32 19.40
N SER B 96 21.76 -6.55 18.45
CA SER B 96 23.16 -6.11 18.46
C SER B 96 23.16 -4.60 18.61
N PHE B 97 23.77 -4.11 19.69
CA PHE B 97 23.89 -2.67 19.91
C PHE B 97 25.28 -2.26 19.45
N GLY B 98 25.38 -1.94 18.16
CA GLY B 98 26.65 -1.56 17.59
C GLY B 98 27.73 -2.63 17.69
N ASP B 99 27.37 -3.92 17.70
CA ASP B 99 28.33 -4.99 17.85
C ASP B 99 28.43 -5.76 16.54
N TYR B 100 27.88 -6.97 16.45
CA TYR B 100 27.87 -7.68 15.17
C TYR B 100 26.83 -7.09 14.23
N PHE B 101 26.82 -7.59 13.00
CA PHE B 101 25.96 -7.01 11.97
C PHE B 101 25.41 -8.11 11.08
N LYS B 102 25.44 -7.91 9.75
CA LYS B 102 24.66 -8.78 8.87
C LYS B 102 25.16 -10.23 8.86
N ARG B 103 26.48 -10.43 8.80
CA ARG B 103 26.99 -11.79 8.67
C ARG B 103 26.60 -12.66 9.86
N ASP B 104 26.87 -12.19 11.07
CA ASP B 104 26.52 -12.98 12.26
C ASP B 104 25.01 -13.11 12.40
N ALA B 105 24.26 -12.03 12.19
CA ALA B 105 22.80 -12.12 12.34
C ALA B 105 22.22 -13.17 11.40
N ILE B 106 22.69 -13.20 10.15
CA ILE B 106 22.19 -14.18 9.19
C ILE B 106 22.63 -15.58 9.60
N ASN B 107 23.88 -15.73 10.06
CA ASN B 107 24.34 -17.06 10.45
C ASN B 107 23.65 -17.54 11.73
N PHE B 108 23.45 -16.64 12.70
CA PHE B 108 22.71 -17.00 13.92
C PHE B 108 21.34 -17.56 13.58
N ALA B 109 20.61 -16.87 12.70
CA ALA B 109 19.24 -17.28 12.38
C ALA B 109 19.22 -18.58 11.59
N TRP B 110 20.15 -18.73 10.64
CA TRP B 110 20.17 -19.95 9.84
C TRP B 110 20.59 -21.15 10.68
N ASP B 111 21.59 -20.97 11.54
CA ASP B 111 22.00 -22.03 12.46
C ASP B 111 20.84 -22.44 13.36
N PHE B 112 20.10 -21.47 13.88
CA PHE B 112 19.02 -21.84 14.79
C PHE B 112 17.93 -22.62 14.06
N LEU B 113 17.51 -22.15 12.89
CA LEU B 113 16.40 -22.80 12.19
C LEU B 113 16.82 -24.16 11.63
N THR B 114 18.00 -24.23 11.00
CA THR B 114 18.36 -25.45 10.30
C THR B 114 19.21 -26.39 11.13
N LYS B 115 19.95 -25.90 12.13
CA LYS B 115 20.80 -26.76 12.94
C LYS B 115 20.18 -27.06 14.30
N GLU B 116 19.85 -26.02 15.09
CA GLU B 116 19.23 -26.26 16.39
C GLU B 116 17.82 -26.82 16.24
N MET B 117 17.01 -26.23 15.38
CA MET B 117 15.65 -26.72 15.19
C MET B 117 15.54 -27.80 14.14
N GLY B 118 16.56 -28.00 13.31
CA GLY B 118 16.57 -29.04 12.30
C GLY B 118 15.58 -28.89 11.15
N ILE B 119 15.15 -27.67 10.84
CA ILE B 119 14.19 -27.47 9.75
C ILE B 119 14.88 -27.66 8.41
N PRO B 120 14.33 -28.44 7.49
CA PRO B 120 14.99 -28.68 6.21
C PRO B 120 15.05 -27.38 5.40
N PRO B 121 16.24 -27.01 4.90
CA PRO B 121 16.31 -25.81 4.04
C PRO B 121 15.34 -25.83 2.89
N ALA B 122 14.99 -27.02 2.37
CA ALA B 122 14.05 -27.12 1.26
C ALA B 122 12.68 -26.55 1.61
N LYS B 123 12.38 -26.40 2.90
CA LYS B 123 11.13 -25.83 3.38
C LYS B 123 11.24 -24.35 3.70
N LEU B 124 12.42 -23.76 3.54
CA LEU B 124 12.62 -22.36 3.88
C LEU B 124 12.76 -21.52 2.61
N TRP B 125 12.44 -20.23 2.75
CA TRP B 125 12.49 -19.25 1.68
C TRP B 125 12.96 -17.94 2.27
N VAL B 126 13.86 -17.26 1.56
CA VAL B 126 14.54 -16.07 2.08
C VAL B 126 14.26 -14.90 1.14
N THR B 127 14.08 -13.72 1.73
CA THR B 127 13.99 -12.48 0.98
C THR B 127 15.07 -11.51 1.46
N VAL B 128 15.52 -10.67 0.53
CA VAL B 128 16.42 -9.58 0.84
C VAL B 128 15.88 -8.31 0.19
N PHE B 129 16.31 -7.16 0.71
CA PHE B 129 16.06 -5.92 0.01
C PHE B 129 16.78 -5.95 -1.34
N ASP B 130 16.10 -5.54 -2.40
CA ASP B 130 16.71 -5.72 -3.73
C ASP B 130 17.88 -4.78 -3.98
N GLU B 131 18.22 -3.88 -3.08
CA GLU B 131 19.44 -3.08 -3.22
C GLU B 131 20.49 -3.47 -2.18
N ASP B 132 20.28 -4.55 -1.44
CA ASP B 132 21.21 -4.98 -0.38
C ASP B 132 22.08 -6.09 -0.96
N SER B 133 23.18 -5.69 -1.63
CA SER B 133 24.05 -6.72 -2.19
C SER B 133 24.84 -7.45 -1.11
N GLU B 134 25.05 -6.82 0.05
CA GLU B 134 25.76 -7.49 1.14
C GLU B 134 24.97 -8.71 1.64
N ALA B 135 23.70 -8.50 1.99
CA ALA B 135 22.88 -9.62 2.48
C ALA B 135 22.75 -10.71 1.43
N GLU B 136 22.60 -10.34 0.16
CA GLU B 136 22.47 -11.35 -0.88
C GLU B 136 23.73 -12.19 -1.00
N ALA B 137 24.90 -11.53 -0.95
CA ALA B 137 26.16 -12.24 -1.01
C ALA B 137 26.30 -13.21 0.17
N ILE B 138 25.98 -12.74 1.38
CA ILE B 138 26.10 -13.59 2.56
C ILE B 138 25.21 -14.81 2.42
N TRP B 139 23.94 -14.61 2.06
CA TRP B 139 23.01 -15.73 1.87
C TRP B 139 23.45 -16.67 0.76
N LEU B 140 23.74 -16.13 -0.43
CA LEU B 140 23.93 -16.95 -1.62
C LEU B 140 25.34 -17.49 -1.77
N GLU B 141 26.34 -16.74 -1.34
CA GLU B 141 27.74 -17.12 -1.54
C GLU B 141 28.41 -17.65 -0.29
N GLU B 142 27.99 -17.23 0.92
CA GLU B 142 28.60 -17.73 2.15
C GLU B 142 27.75 -18.86 2.74
N VAL B 143 26.51 -18.57 3.15
CA VAL B 143 25.61 -19.62 3.60
C VAL B 143 25.33 -20.61 2.47
N LYS B 144 25.19 -20.10 1.24
CA LYS B 144 24.97 -20.91 0.03
C LYS B 144 23.59 -21.55 -0.01
N ILE B 145 22.55 -20.74 0.25
CA ILE B 145 21.18 -21.27 0.18
C ILE B 145 20.77 -21.47 -1.28
N ASP B 146 19.73 -22.28 -1.46
CA ASP B 146 19.09 -22.53 -2.74
C ASP B 146 18.61 -21.21 -3.34
N PRO B 147 19.20 -20.76 -4.46
CA PRO B 147 18.80 -19.47 -5.03
C PRO B 147 17.43 -19.48 -5.71
N THR B 148 16.82 -20.65 -5.93
CA THR B 148 15.46 -20.67 -6.47
C THR B 148 14.40 -20.50 -5.39
N ARG B 149 14.79 -20.51 -4.10
CA ARG B 149 13.87 -20.22 -3.01
C ARG B 149 14.34 -18.93 -2.34
N PHE B 150 14.34 -17.85 -3.13
CA PHE B 150 15.01 -16.60 -2.79
C PHE B 150 14.32 -15.50 -3.57
N SER B 151 13.98 -14.40 -2.90
CA SER B 151 13.28 -13.30 -3.53
C SER B 151 13.95 -11.99 -3.17
N ARG B 152 14.11 -11.13 -4.15
CA ARG B 152 14.58 -9.76 -3.94
C ARG B 152 13.36 -8.85 -3.92
N ILE B 153 13.20 -8.09 -2.85
CA ILE B 153 11.98 -7.34 -2.57
C ILE B 153 12.32 -5.86 -2.41
N GLY B 154 11.36 -4.99 -2.80
CA GLY B 154 11.56 -3.56 -2.74
C GLY B 154 11.47 -2.98 -1.34
N ALA B 155 11.60 -1.66 -1.26
CA ALA B 155 11.74 -0.95 0.00
C ALA B 155 10.49 -1.01 0.88
N LYS B 156 9.31 -1.26 0.29
CA LYS B 156 8.10 -1.28 1.09
C LYS B 156 8.11 -2.43 2.10
N ASP B 157 8.63 -3.59 1.69
CA ASP B 157 8.66 -4.74 2.60
C ASP B 157 10.01 -4.94 3.26
N ASN B 158 11.11 -4.56 2.60
CA ASN B 158 12.43 -4.93 3.09
C ASN B 158 13.36 -3.76 3.37
N PHE B 159 12.82 -2.55 3.55
CA PHE B 159 13.61 -1.45 4.07
C PHE B 159 12.87 -0.85 5.25
N TRP B 160 13.59 -0.66 6.35
CA TRP B 160 13.00 -0.27 7.61
C TRP B 160 13.53 1.09 8.02
N ALA B 161 12.71 1.89 8.70
CA ALA B 161 13.17 3.13 9.30
C ALA B 161 12.50 3.33 10.66
N MET B 162 13.28 3.81 11.63
CA MET B 162 12.70 4.04 12.96
C MET B 162 11.74 5.23 12.94
N GLY B 163 11.98 6.17 12.05
CA GLY B 163 11.13 7.34 11.90
C GLY B 163 11.61 8.11 10.69
N ASP B 164 10.99 9.29 10.48
CA ASP B 164 11.45 10.17 9.42
C ASP B 164 12.90 10.55 9.63
N VAL B 165 13.30 10.74 10.87
CA VAL B 165 14.70 10.92 11.20
C VAL B 165 15.09 9.77 12.10
N GLY B 166 16.37 9.43 12.07
CA GLY B 166 16.88 8.35 12.88
C GLY B 166 17.39 7.19 12.05
N PRO B 167 17.66 6.08 12.71
CA PRO B 167 18.27 4.94 12.03
C PRO B 167 17.35 4.30 11.01
N CYS B 168 17.95 3.73 9.97
CA CYS B 168 17.21 2.98 8.96
C CYS B 168 18.17 2.01 8.31
N GLY B 169 17.61 1.10 7.50
CA GLY B 169 18.41 0.14 6.76
C GLY B 169 17.59 -1.03 6.21
N PRO B 170 18.25 -1.91 5.47
CA PRO B 170 17.57 -3.05 4.86
C PRO B 170 17.24 -4.16 5.87
N CYS B 171 16.31 -5.01 5.46
CA CYS B 171 15.85 -6.17 6.22
C CYS B 171 15.97 -7.42 5.37
N THR B 172 16.16 -8.55 6.05
CA THR B 172 16.06 -9.85 5.38
C THR B 172 15.14 -10.74 6.20
N GLU B 173 14.35 -11.57 5.51
CA GLU B 173 13.27 -12.31 6.13
C GLU B 173 13.37 -13.80 5.77
N ILE B 174 13.00 -14.65 6.72
CA ILE B 174 12.97 -16.09 6.49
C ILE B 174 11.53 -16.58 6.61
N PHE B 175 11.06 -17.28 5.58
CA PHE B 175 9.71 -17.83 5.51
C PHE B 175 9.73 -19.35 5.60
N TYR B 176 8.65 -19.91 6.13
CA TYR B 176 8.45 -21.36 6.11
C TYR B 176 7.34 -21.70 5.12
N ASP B 177 7.58 -22.73 4.30
CA ASP B 177 6.67 -23.17 3.25
C ASP B 177 5.83 -24.32 3.79
N HIS B 178 4.53 -24.07 4.03
CA HIS B 178 3.64 -25.09 4.56
C HIS B 178 3.14 -26.07 3.50
N GLY B 179 3.50 -25.88 2.23
CA GLY B 179 3.27 -26.90 1.21
C GLY B 179 2.02 -26.68 0.39
N GLU B 180 1.84 -27.57 -0.60
CA GLU B 180 0.80 -27.45 -1.62
C GLU B 180 -0.61 -27.59 -1.07
N HIS B 181 -0.79 -28.16 0.12
CA HIS B 181 -2.13 -28.23 0.68
C HIS B 181 -2.62 -26.90 1.24
N VAL B 182 -1.77 -25.86 1.27
CA VAL B 182 -2.15 -24.54 1.75
C VAL B 182 -2.09 -23.56 0.58
N ALA B 183 -3.15 -22.78 0.39
CA ALA B 183 -3.18 -21.81 -0.69
C ALA B 183 -2.22 -20.66 -0.43
N GLY B 184 -1.67 -20.09 -1.50
CA GLY B 184 -0.76 -18.96 -1.42
C GLY B 184 0.50 -19.16 -2.23
N GLY B 185 1.15 -18.05 -2.58
CA GLY B 185 2.39 -18.08 -3.33
C GLY B 185 3.56 -17.51 -2.53
N PRO B 186 4.78 -17.63 -3.07
CA PRO B 186 5.98 -17.20 -2.34
C PRO B 186 6.07 -15.69 -2.24
N PRO B 187 6.96 -15.18 -1.37
CA PRO B 187 7.12 -13.73 -1.22
C PRO B 187 7.44 -13.06 -2.55
N GLY B 188 6.73 -11.97 -2.83
CA GLY B 188 6.88 -11.24 -4.07
C GLY B 188 5.91 -11.64 -5.16
N SER B 189 5.22 -12.76 -5.01
CA SER B 189 4.23 -13.18 -5.98
C SER B 189 2.89 -12.51 -5.68
N PRO B 190 1.99 -12.45 -6.65
CA PRO B 190 0.68 -11.81 -6.40
C PRO B 190 -0.10 -12.45 -5.24
N ASP B 191 0.15 -13.72 -4.94
CA ASP B 191 -0.53 -14.46 -3.87
C ASP B 191 0.30 -14.58 -2.59
N GLU B 192 1.31 -13.72 -2.40
CA GLU B 192 2.20 -13.85 -1.23
C GLU B 192 1.45 -13.77 0.09
N ASP B 193 0.28 -13.15 0.09
CA ASP B 193 -0.47 -12.89 1.30
C ASP B 193 -1.13 -14.13 1.87
N GLY B 194 -1.16 -15.25 1.14
CA GLY B 194 -1.75 -16.47 1.66
C GLY B 194 -0.97 -17.04 2.84
N ASP B 195 -1.54 -18.07 3.46
CA ASP B 195 -0.93 -18.72 4.62
C ASP B 195 0.06 -19.84 4.27
N ARG B 196 0.38 -20.04 2.98
CA ARG B 196 1.33 -21.10 2.65
C ARG B 196 2.76 -20.73 3.04
N TYR B 197 3.25 -19.59 2.54
CA TYR B 197 4.59 -19.10 2.85
C TYR B 197 4.46 -18.09 3.96
N ILE B 198 4.73 -18.54 5.19
CA ILE B 198 4.51 -17.74 6.39
C ILE B 198 5.84 -17.17 6.86
N GLU B 199 5.86 -15.86 7.10
CA GLU B 199 7.06 -15.20 7.57
C GLU B 199 7.37 -15.62 9.00
N ILE B 200 8.54 -16.22 9.19
CA ILE B 200 8.94 -16.74 10.49
C ILE B 200 9.84 -15.77 11.24
N TRP B 201 10.81 -15.17 10.55
CA TRP B 201 11.85 -14.41 11.22
C TRP B 201 12.22 -13.20 10.38
N ASN B 202 12.19 -12.02 11.00
CA ASN B 202 12.52 -10.78 10.32
C ASN B 202 13.78 -10.20 10.96
N LEU B 203 14.78 -9.91 10.13
CA LEU B 203 16.05 -9.36 10.61
C LEU B 203 16.22 -7.95 10.07
N VAL B 204 16.31 -6.96 10.98
CA VAL B 204 16.44 -5.56 10.61
C VAL B 204 17.89 -5.12 10.81
N PHE B 205 18.45 -4.47 9.79
CA PHE B 205 19.84 -4.00 9.83
C PHE B 205 19.82 -2.47 9.90
N MET B 206 20.14 -1.93 11.06
CA MET B 206 20.28 -0.49 11.21
C MET B 206 21.63 -0.09 10.63
N GLN B 207 21.61 0.45 9.41
CA GLN B 207 22.82 0.71 8.65
C GLN B 207 23.08 2.19 8.40
N TYR B 208 22.04 3.01 8.35
CA TYR B 208 22.17 4.41 8.01
C TYR B 208 21.40 5.23 9.02
N GLU B 209 21.67 6.54 8.97
CA GLU B 209 21.02 7.52 9.82
C GLU B 209 20.56 8.70 8.97
N ARG B 210 19.32 9.17 9.16
CA ARG B 210 18.85 10.34 8.45
C ARG B 210 18.63 11.47 9.46
N ASP B 211 19.17 12.65 9.16
CA ASP B 211 19.12 13.77 10.09
C ASP B 211 17.87 14.62 9.84
N LYS B 212 17.69 15.67 10.66
CA LYS B 212 16.49 16.49 10.56
C LYS B 212 16.38 17.20 9.21
N ASP B 213 17.51 17.42 8.53
CA ASP B 213 17.51 18.03 7.21
C ASP B 213 17.39 17.03 6.07
N GLY B 214 17.38 15.74 6.37
CA GLY B 214 17.21 14.73 5.35
C GLY B 214 18.48 14.09 4.84
N ASN B 215 19.63 14.47 5.37
CA ASN B 215 20.87 13.87 4.92
C ASN B 215 20.94 12.43 5.42
N LEU B 216 21.39 11.52 4.55
CA LEU B 216 21.65 10.13 4.95
C LEU B 216 23.14 10.00 5.20
N THR B 217 23.50 9.41 6.34
CA THR B 217 24.89 9.10 6.65
C THR B 217 24.99 7.67 7.16
N PRO B 218 26.17 7.06 7.07
CA PRO B 218 26.33 5.70 7.60
C PRO B 218 26.27 5.72 9.11
N LEU B 219 25.68 4.68 9.68
CA LEU B 219 25.68 4.56 11.13
C LEU B 219 27.10 4.32 11.62
N PRO B 220 27.56 5.05 12.64
CA PRO B 220 28.93 4.81 13.13
C PRO B 220 29.14 3.38 13.58
N ALA B 221 28.22 2.84 14.37
CA ALA B 221 28.22 1.44 14.78
C ALA B 221 26.92 0.79 14.35
N PRO B 222 26.91 0.08 13.22
CA PRO B 222 25.68 -0.59 12.75
C PRO B 222 25.11 -1.57 13.76
N SER B 223 23.78 -1.76 13.71
CA SER B 223 23.09 -2.53 14.74
C SER B 223 22.09 -3.49 14.10
N VAL B 224 21.60 -4.43 14.92
CA VAL B 224 20.71 -5.48 14.44
C VAL B 224 19.55 -5.61 15.41
N ASP B 225 18.34 -5.77 14.86
CA ASP B 225 17.16 -6.08 15.65
C ASP B 225 16.39 -7.15 14.89
N THR B 226 16.11 -8.29 15.55
CA THR B 226 15.39 -9.37 14.87
C THR B 226 14.13 -9.74 15.64
N GLY B 227 13.22 -10.40 14.94
CA GLY B 227 11.98 -10.79 15.56
C GLY B 227 11.36 -11.99 14.89
N MET B 228 11.03 -13.01 15.67
CA MET B 228 10.41 -14.24 15.20
C MET B 228 9.23 -14.61 16.11
N GLY B 229 8.08 -14.88 15.50
CA GLY B 229 6.89 -15.22 16.27
C GLY B 229 6.98 -16.62 16.87
N LEU B 230 6.89 -16.71 18.21
CA LEU B 230 7.00 -18.02 18.85
C LEU B 230 5.93 -18.97 18.33
N GLU B 231 4.71 -18.47 18.14
CA GLU B 231 3.60 -19.34 17.75
C GLU B 231 3.77 -19.91 16.35
N ARG B 232 4.30 -19.11 15.40
CA ARG B 232 4.50 -19.60 14.05
C ARG B 232 5.60 -20.64 13.98
N ILE B 233 6.71 -20.45 14.71
CA ILE B 233 7.76 -21.46 14.67
C ILE B 233 7.31 -22.68 15.47
N ALA B 234 6.51 -22.47 16.52
CA ALA B 234 5.94 -23.63 17.21
C ALA B 234 5.04 -24.44 16.29
N ALA B 235 4.25 -23.77 15.44
CA ALA B 235 3.44 -24.52 14.50
C ALA B 235 4.32 -25.35 13.58
N VAL B 236 5.39 -24.75 13.07
CA VAL B 236 6.37 -25.48 12.26
C VAL B 236 6.88 -26.69 13.03
N MET B 237 7.35 -26.47 14.25
CA MET B 237 7.98 -27.53 15.03
C MET B 237 7.00 -28.55 15.57
N GLN B 238 5.70 -28.29 15.49
CA GLN B 238 4.70 -29.25 15.95
C GLN B 238 3.92 -29.84 14.79
N GLY B 239 4.31 -29.51 13.55
CA GLY B 239 3.71 -30.14 12.39
C GLY B 239 2.30 -29.70 12.04
N VAL B 240 1.91 -28.48 12.38
CA VAL B 240 0.57 -28.00 12.10
C VAL B 240 0.64 -26.72 11.27
N HIS B 241 -0.46 -26.45 10.55
CA HIS B 241 -0.48 -25.29 9.65
C HIS B 241 -0.94 -24.02 10.33
N SER B 242 -1.74 -24.12 11.40
CA SER B 242 -2.31 -22.96 12.07
C SER B 242 -1.69 -22.77 13.44
N ASN B 243 -1.38 -21.50 13.78
CA ASN B 243 -0.91 -21.19 15.12
C ASN B 243 -1.84 -21.73 16.18
N TYR B 244 -3.15 -21.77 15.89
CA TYR B 244 -4.12 -22.15 16.92
C TYR B 244 -4.10 -23.64 17.22
N GLU B 245 -3.32 -24.42 16.48
CA GLU B 245 -3.22 -25.86 16.72
C GLU B 245 -2.02 -26.25 17.59
N ILE B 246 -1.22 -25.28 18.03
CA ILE B 246 -0.03 -25.60 18.82
C ILE B 246 -0.42 -25.89 20.26
N ASP B 247 0.53 -26.45 21.03
CA ASP B 247 0.26 -26.90 22.39
C ASP B 247 -0.31 -25.80 23.26
N ILE B 248 0.22 -24.58 23.11
CA ILE B 248 -0.10 -23.46 23.99
C ILE B 248 -1.58 -23.09 23.95
N PHE B 249 -2.24 -23.27 22.80
CA PHE B 249 -3.66 -22.96 22.64
C PHE B 249 -4.59 -24.14 22.91
N GLN B 250 -4.07 -25.35 23.04
CA GLN B 250 -4.96 -26.51 23.14
C GLN B 250 -5.88 -26.43 24.35
N ASN B 251 -5.34 -26.09 25.52
CA ASN B 251 -6.20 -26.01 26.70
C ASN B 251 -7.19 -24.86 26.57
N LEU B 252 -6.76 -23.74 25.97
CA LEU B 252 -7.64 -22.60 25.81
C LEU B 252 -8.82 -22.94 24.90
N VAL B 253 -8.52 -23.55 23.75
CA VAL B 253 -9.58 -23.86 22.80
C VAL B 253 -10.51 -24.93 23.34
N LYS B 254 -9.95 -25.94 24.03
CA LYS B 254 -10.78 -26.97 24.65
C LYS B 254 -11.71 -26.38 25.70
N THR B 255 -11.20 -25.47 26.55
CA THR B 255 -12.06 -24.87 27.58
C THR B 255 -13.15 -24.03 26.95
N ALA B 256 -12.80 -23.22 25.95
CA ALA B 256 -13.85 -22.44 25.29
C ALA B 256 -14.89 -23.35 24.64
N ALA B 257 -14.45 -24.45 24.01
CA ALA B 257 -15.40 -25.36 23.37
C ALA B 257 -16.36 -25.98 24.39
N ALA B 258 -15.83 -26.39 25.55
CA ALA B 258 -16.67 -26.90 26.63
C ALA B 258 -17.67 -25.84 27.09
N LEU B 259 -17.23 -24.59 27.20
CA LEU B 259 -18.13 -23.50 27.62
C LEU B 259 -19.21 -23.21 26.58
N ALA B 260 -18.93 -23.47 25.30
CA ALA B 260 -19.91 -23.31 24.25
C ALA B 260 -20.69 -24.58 23.98
N GLY B 261 -20.33 -25.69 24.61
CA GLY B 261 -21.01 -26.95 24.38
C GLY B 261 -20.81 -27.50 22.98
N THR B 262 -19.62 -27.31 22.40
CA THR B 262 -19.39 -27.71 21.02
C THR B 262 -18.22 -28.69 20.95
N THR B 263 -18.27 -29.53 19.91
CA THR B 263 -17.16 -30.42 19.56
C THR B 263 -16.32 -29.89 18.41
N ASP B 264 -16.69 -28.76 17.82
CA ASP B 264 -15.96 -28.21 16.66
C ASP B 264 -14.76 -27.43 17.18
N LEU B 265 -13.70 -28.17 17.50
CA LEU B 265 -12.51 -27.57 18.11
C LEU B 265 -11.75 -26.65 17.17
N SER B 266 -12.04 -26.69 15.88
CA SER B 266 -11.40 -25.83 14.89
C SER B 266 -12.22 -24.57 14.62
N ASN B 267 -13.32 -24.38 15.35
CA ASN B 267 -14.23 -23.28 15.09
C ASN B 267 -13.54 -21.92 15.22
N SER B 268 -13.72 -21.07 14.21
CA SER B 268 -12.99 -19.82 14.14
C SER B 268 -13.32 -18.90 15.32
N SER B 269 -14.57 -18.91 15.80
CA SER B 269 -14.93 -18.07 16.96
C SER B 269 -14.28 -18.56 18.24
N LEU B 270 -14.05 -19.88 18.37
CA LEU B 270 -13.27 -20.37 19.49
C LEU B 270 -11.82 -19.90 19.39
N ARG B 271 -11.26 -19.90 18.17
CA ARG B 271 -9.90 -19.39 17.99
C ARG B 271 -9.83 -17.90 18.31
N VAL B 272 -10.83 -17.13 17.89
CA VAL B 272 -10.86 -15.71 18.24
C VAL B 272 -10.86 -15.54 19.76
N ILE B 273 -11.71 -16.32 20.44
CA ILE B 273 -11.82 -16.24 21.88
C ILE B 273 -10.50 -16.61 22.55
N ALA B 274 -9.85 -17.68 22.08
CA ALA B 274 -8.56 -18.08 22.64
C ALA B 274 -7.50 -16.99 22.44
N ASP B 275 -7.48 -16.35 21.26
CA ASP B 275 -6.57 -15.23 21.05
C ASP B 275 -6.88 -14.06 21.98
N HIS B 276 -8.16 -13.72 22.08
CA HIS B 276 -8.53 -12.50 22.80
C HIS B 276 -8.30 -12.62 24.30
N ILE B 277 -8.49 -13.81 24.89
CA ILE B 277 -8.17 -13.94 26.30
C ILE B 277 -6.69 -13.68 26.54
N ARG B 278 -5.82 -14.04 25.59
CA ARG B 278 -4.40 -13.79 25.82
C ARG B 278 -4.11 -12.29 25.88
N SER B 279 -4.55 -11.53 24.88
CA SER B 279 -4.30 -10.11 24.95
C SER B 279 -5.03 -9.48 26.13
N CYS B 280 -6.30 -9.85 26.37
CA CYS B 280 -7.04 -9.16 27.44
C CYS B 280 -6.44 -9.47 28.82
N ALA B 281 -6.12 -10.73 29.10
CA ALA B 281 -5.60 -11.06 30.43
C ALA B 281 -4.23 -10.44 30.67
N PHE B 282 -3.34 -10.49 29.67
CA PHE B 282 -2.01 -9.91 29.84
C PHE B 282 -2.09 -8.39 29.94
N LEU B 283 -3.01 -7.76 29.18
CA LEU B 283 -3.17 -6.32 29.26
C LEU B 283 -3.62 -5.90 30.65
N VAL B 284 -4.61 -6.60 31.20
CA VAL B 284 -5.06 -6.30 32.56
C VAL B 284 -3.94 -6.55 33.56
N ALA B 285 -3.21 -7.66 33.39
CA ALA B 285 -2.10 -7.98 34.28
C ALA B 285 -1.03 -6.91 34.23
N ASP B 286 -0.85 -6.25 33.08
CA ASP B 286 0.10 -5.15 32.97
C ASP B 286 -0.48 -3.80 33.38
N GLY B 287 -1.69 -3.78 33.94
CA GLY B 287 -2.26 -2.57 34.51
C GLY B 287 -3.28 -1.80 33.69
N VAL B 288 -3.71 -2.33 32.52
CA VAL B 288 -4.71 -1.65 31.72
C VAL B 288 -6.09 -2.06 32.21
N LEU B 289 -6.98 -1.08 32.33
CA LEU B 289 -8.37 -1.34 32.71
C LEU B 289 -9.32 -0.85 31.63
N PRO B 290 -10.47 -1.49 31.46
CA PRO B 290 -11.42 -1.07 30.42
C PRO B 290 -11.85 0.38 30.64
N SER B 291 -12.00 1.11 29.55
CA SER B 291 -12.44 2.50 29.61
C SER B 291 -12.89 2.91 28.22
N ASN B 292 -13.28 4.18 28.08
CA ASN B 292 -13.71 4.71 26.79
C ASN B 292 -12.66 5.61 26.16
N GLU B 293 -11.42 5.55 26.62
CA GLU B 293 -10.35 6.37 26.05
C GLU B 293 -9.08 5.53 25.93
N GLY B 294 -8.34 5.77 24.84
CA GLY B 294 -6.95 5.34 24.76
C GLY B 294 -6.76 3.84 24.90
N ARG B 295 -5.75 3.46 25.70
CA ARG B 295 -5.42 2.04 25.88
C ARG B 295 -6.58 1.27 26.50
N GLY B 296 -7.29 1.87 27.44
CA GLY B 296 -8.42 1.17 28.03
C GLY B 296 -9.52 0.87 27.03
N TYR B 297 -9.66 1.70 25.99
CA TYR B 297 -10.70 1.44 25.02
C TYR B 297 -10.30 0.34 24.05
N VAL B 298 -9.02 0.20 23.74
CA VAL B 298 -8.60 -0.96 22.96
C VAL B 298 -8.89 -2.24 23.73
N LEU B 299 -8.51 -2.28 25.00
CA LEU B 299 -8.86 -3.43 25.82
C LEU B 299 -10.37 -3.67 25.81
N ARG B 300 -11.15 -2.61 26.02
CA ARG B 300 -12.62 -2.76 26.03
C ARG B 300 -13.13 -3.31 24.72
N ARG B 301 -12.56 -2.83 23.59
CA ARG B 301 -12.98 -3.30 22.29
C ARG B 301 -12.71 -4.78 22.12
N ILE B 302 -11.52 -5.26 22.51
CA ILE B 302 -11.19 -6.68 22.33
C ILE B 302 -12.04 -7.55 23.25
N VAL B 303 -12.21 -7.14 24.51
CA VAL B 303 -13.08 -7.89 25.43
C VAL B 303 -14.47 -8.04 24.85
N ARG B 304 -15.04 -6.93 24.39
CA ARG B 304 -16.42 -7.00 23.89
C ARG B 304 -16.52 -7.79 22.62
N ARG B 305 -15.49 -7.72 21.75
CA ARG B 305 -15.52 -8.58 20.56
C ARG B 305 -15.47 -10.06 20.94
N ALA B 306 -14.70 -10.41 21.96
CA ALA B 306 -14.71 -11.79 22.46
C ALA B 306 -16.10 -12.16 22.98
N ILE B 307 -16.74 -11.28 23.75
CA ILE B 307 -18.08 -11.61 24.23
C ILE B 307 -19.03 -11.89 23.07
N ARG B 308 -18.97 -11.04 22.03
CA ARG B 308 -19.85 -11.22 20.87
C ARG B 308 -19.59 -12.56 20.19
N HIS B 309 -18.33 -13.01 20.14
CA HIS B 309 -18.09 -14.33 19.54
C HIS B 309 -18.66 -15.44 20.40
N GLY B 310 -18.67 -15.26 21.71
CA GLY B 310 -19.35 -16.22 22.55
C GLY B 310 -20.85 -16.23 22.29
N TYR B 311 -21.44 -15.03 22.14
CA TYR B 311 -22.86 -14.94 21.77
C TYR B 311 -23.10 -15.69 20.47
N ARG B 312 -22.23 -15.49 19.47
CA ARG B 312 -22.39 -16.17 18.19
C ARG B 312 -22.41 -17.69 18.36
N LEU B 313 -21.62 -18.20 19.29
CA LEU B 313 -21.54 -19.62 19.62
C LEU B 313 -22.69 -20.11 20.50
N GLY B 314 -23.59 -19.23 20.91
CA GLY B 314 -24.71 -19.60 21.74
C GLY B 314 -24.43 -19.63 23.23
N ILE B 315 -23.28 -19.10 23.68
CA ILE B 315 -23.01 -19.05 25.11
C ILE B 315 -23.95 -18.07 25.78
N GLN B 316 -24.66 -18.53 26.80
CA GLN B 316 -25.71 -17.77 27.47
C GLN B 316 -25.29 -17.22 28.83
N ASP B 317 -24.17 -17.66 29.38
CA ASP B 317 -23.76 -17.29 30.73
C ASP B 317 -22.36 -16.69 30.66
N THR B 318 -22.07 -15.80 31.61
CA THR B 318 -20.77 -15.15 31.68
C THR B 318 -19.67 -16.19 31.56
N PHE B 319 -18.71 -15.94 30.65
CA PHE B 319 -17.77 -17.02 30.30
C PHE B 319 -16.33 -16.58 30.15
N PHE B 320 -16.05 -15.34 29.72
CA PHE B 320 -14.71 -15.01 29.25
C PHE B 320 -13.67 -15.13 30.36
N TYR B 321 -14.00 -14.66 31.58
CA TYR B 321 -13.04 -14.71 32.67
C TYR B 321 -12.65 -16.13 33.06
N LYS B 322 -13.43 -17.15 32.67
CA LYS B 322 -13.12 -18.54 33.00
C LYS B 322 -11.92 -19.06 32.23
N LEU B 323 -11.46 -18.30 31.23
CA LEU B 323 -10.29 -18.72 30.46
C LEU B 323 -9.00 -18.17 31.04
N VAL B 324 -9.05 -17.29 32.03
CA VAL B 324 -7.81 -16.83 32.67
C VAL B 324 -7.11 -18.00 33.35
N ALA B 325 -7.88 -18.91 33.94
CA ALA B 325 -7.26 -20.02 34.68
C ALA B 325 -6.46 -20.95 33.77
N PRO B 326 -7.00 -21.49 32.67
CA PRO B 326 -6.12 -22.30 31.81
C PRO B 326 -5.00 -21.48 31.20
N LEU B 327 -5.20 -20.19 30.95
CA LEU B 327 -4.11 -19.38 30.41
C LEU B 327 -2.94 -19.30 31.39
N ALA B 328 -3.24 -19.00 32.66
CA ALA B 328 -2.20 -18.90 33.67
C ALA B 328 -1.53 -20.25 33.92
N ALA B 329 -2.30 -21.34 33.93
CA ALA B 329 -1.67 -22.64 34.09
C ALA B 329 -0.71 -22.93 32.95
N GLU B 330 -1.04 -22.47 31.74
CA GLU B 330 -0.26 -22.77 30.56
C GLU B 330 0.98 -21.90 30.46
N MET B 331 0.86 -20.62 30.82
CA MET B 331 1.90 -19.63 30.58
C MET B 331 2.46 -19.04 31.86
N GLY B 332 2.02 -19.53 33.03
CA GLY B 332 2.45 -18.92 34.29
C GLY B 332 3.91 -19.17 34.61
N ALA B 333 4.48 -20.28 34.15
CA ALA B 333 5.90 -20.51 34.36
C ALA B 333 6.74 -19.43 33.67
N ALA B 334 6.39 -19.06 32.44
CA ALA B 334 7.10 -17.99 31.75
C ALA B 334 6.72 -16.60 32.25
N TYR B 335 5.48 -16.41 32.77
CA TYR B 335 4.97 -15.10 33.13
C TYR B 335 4.32 -15.16 34.51
N PRO B 336 5.13 -15.21 35.58
CA PRO B 336 4.56 -15.33 36.93
C PRO B 336 3.66 -14.19 37.32
N GLU B 337 3.86 -13.01 36.75
CA GLU B 337 3.00 -11.88 37.09
C GLU B 337 1.56 -12.17 36.70
N LEU B 338 1.34 -13.02 35.69
CA LEU B 338 -0.01 -13.45 35.37
C LEU B 338 -0.61 -14.28 36.51
N VAL B 339 0.17 -15.20 37.09
CA VAL B 339 -0.34 -15.99 38.20
C VAL B 339 -0.62 -15.12 39.41
N LYS B 340 0.30 -14.20 39.71
CA LYS B 340 0.13 -13.33 40.88
C LYS B 340 -1.11 -12.46 40.75
N ALA B 341 -1.43 -12.02 39.54
CA ALA B 341 -2.55 -11.12 39.30
C ALA B 341 -3.83 -11.84 38.87
N GLN B 342 -3.86 -13.17 38.91
CA GLN B 342 -4.90 -13.95 38.24
C GLN B 342 -6.30 -13.58 38.74
N GLU B 343 -6.48 -13.53 40.06
CA GLU B 343 -7.79 -13.21 40.63
C GLU B 343 -8.25 -11.82 40.22
N GLN B 344 -7.34 -10.84 40.23
CA GLN B 344 -7.71 -9.48 39.84
C GLN B 344 -8.07 -9.43 38.35
N VAL B 345 -7.33 -10.16 37.52
CA VAL B 345 -7.67 -10.20 36.09
C VAL B 345 -9.06 -10.82 35.88
N GLU B 346 -9.33 -11.94 36.54
CA GLU B 346 -10.65 -12.56 36.43
C GLU B 346 -11.76 -11.59 36.83
N ARG B 347 -11.54 -10.83 37.90
CA ARG B 347 -12.56 -9.90 38.39
C ARG B 347 -12.81 -8.78 37.37
N VAL B 348 -11.74 -8.23 36.80
CA VAL B 348 -11.86 -7.17 35.80
C VAL B 348 -12.63 -7.68 34.57
N LEU B 349 -12.28 -8.88 34.07
CA LEU B 349 -12.91 -9.40 32.84
C LEU B 349 -14.35 -9.83 33.09
N LYS B 350 -14.62 -10.43 34.26
CA LYS B 350 -15.99 -10.76 34.63
C LYS B 350 -16.85 -9.50 34.68
N LYS B 351 -16.34 -8.46 35.34
CA LYS B 351 -17.09 -7.23 35.48
C LYS B 351 -17.35 -6.59 34.12
N GLU B 352 -16.34 -6.59 33.25
CA GLU B 352 -16.55 -6.00 31.93
C GLU B 352 -17.57 -6.78 31.14
N GLU B 353 -17.49 -8.11 31.17
CA GLU B 353 -18.47 -8.89 30.42
C GLU B 353 -19.87 -8.64 30.96
N GLU B 354 -20.00 -8.54 32.28
CA GLU B 354 -21.31 -8.29 32.87
C GLU B 354 -21.85 -6.92 32.43
N ARG B 355 -20.98 -5.90 32.43
CA ARG B 355 -21.39 -4.58 31.99
C ARG B 355 -21.91 -4.61 30.56
N PHE B 356 -21.20 -5.30 29.66
CA PHE B 356 -21.61 -5.38 28.25
C PHE B 356 -22.89 -6.20 28.10
N ALA B 357 -23.05 -7.26 28.91
CA ALA B 357 -24.23 -8.11 28.82
C ALA B 357 -25.51 -7.34 29.11
N GLU B 358 -25.42 -6.18 29.77
CA GLU B 358 -26.60 -5.34 29.96
C GLU B 358 -27.25 -4.97 28.63
N THR B 359 -26.46 -4.83 27.56
CA THR B 359 -26.98 -4.35 26.27
C THR B 359 -26.69 -5.28 25.09
N LEU B 360 -25.81 -6.28 25.24
CA LEU B 360 -25.43 -7.12 24.10
C LEU B 360 -26.63 -7.78 23.45
N GLY B 361 -27.45 -8.47 24.24
CA GLY B 361 -28.57 -9.21 23.68
C GLY B 361 -29.54 -8.33 22.91
N GLN B 362 -29.87 -7.16 23.47
CA GLN B 362 -30.78 -6.23 22.78
C GLN B 362 -30.14 -5.65 21.54
N GLY B 363 -28.84 -5.30 21.63
CA GLY B 363 -28.15 -4.83 20.44
C GLY B 363 -28.08 -5.89 19.36
N MET B 364 -27.85 -7.14 19.75
CA MET B 364 -27.80 -8.20 18.75
C MET B 364 -29.16 -8.43 18.07
N LYS B 365 -30.26 -8.27 18.82
CA LYS B 365 -31.58 -8.37 18.21
C LYS B 365 -31.78 -7.29 17.14
N ILE B 366 -31.40 -6.05 17.46
CA ILE B 366 -31.45 -4.96 16.48
C ILE B 366 -30.63 -5.32 15.24
N LEU B 367 -29.40 -5.78 15.44
CA LEU B 367 -28.54 -6.11 14.31
C LEU B 367 -29.15 -7.23 13.47
N GLU B 368 -29.65 -8.27 14.14
CA GLU B 368 -30.25 -9.39 13.42
C GLU B 368 -31.47 -8.93 12.64
N ASN B 369 -32.26 -8.03 13.22
CA ASN B 369 -33.42 -7.46 12.52
C ASN B 369 -32.97 -6.63 11.33
N CYS B 370 -31.91 -5.83 11.51
CA CYS B 370 -31.39 -5.03 10.42
C CYS B 370 -30.96 -5.89 9.25
N VAL B 371 -30.21 -6.97 9.52
CA VAL B 371 -29.77 -7.86 8.44
C VAL B 371 -30.96 -8.51 7.75
N ALA B 372 -31.98 -8.88 8.53
CA ALA B 372 -33.15 -9.53 7.94
C ALA B 372 -33.91 -8.60 7.00
N LYS B 373 -33.94 -7.30 7.29
CA LYS B 373 -34.70 -6.35 6.50
C LYS B 373 -33.86 -5.60 5.47
N LEU B 374 -32.55 -5.87 5.43
CA LEU B 374 -31.63 -5.02 4.67
C LEU B 374 -31.75 -5.31 3.18
N ASP B 375 -31.81 -4.26 2.37
CA ASP B 375 -31.85 -4.40 0.92
C ASP B 375 -30.47 -4.55 0.28
N GLY B 376 -29.51 -3.74 0.71
CA GLY B 376 -28.18 -3.76 0.19
C GLY B 376 -27.23 -4.57 1.06
N HIS B 377 -25.95 -4.24 0.96
CA HIS B 377 -24.91 -4.97 1.65
C HIS B 377 -24.26 -4.13 2.73
N VAL B 378 -24.82 -2.96 3.06
CA VAL B 378 -24.20 -2.02 3.98
C VAL B 378 -25.14 -1.78 5.15
N ILE B 379 -24.69 -2.08 6.36
CA ILE B 379 -25.45 -1.69 7.55
C ILE B 379 -25.40 -0.17 7.65
N PRO B 380 -26.56 0.50 7.76
CA PRO B 380 -26.57 1.98 7.69
C PRO B 380 -25.94 2.65 8.90
N GLY B 381 -25.47 3.88 8.65
CA GLY B 381 -24.74 4.62 9.65
C GLY B 381 -25.57 4.93 10.88
N ASP B 382 -26.88 5.15 10.72
CA ASP B 382 -27.70 5.44 11.89
C ASP B 382 -27.85 4.20 12.77
N VAL B 383 -27.91 3.00 12.16
CA VAL B 383 -27.94 1.76 12.95
C VAL B 383 -26.61 1.54 13.66
N VAL B 384 -25.48 1.74 12.97
CA VAL B 384 -24.18 1.63 13.61
C VAL B 384 -24.09 2.61 14.78
N PHE B 385 -24.52 3.86 14.56
CA PHE B 385 -24.44 4.85 15.64
C PHE B 385 -25.34 4.47 16.81
N LEU B 386 -26.54 3.97 16.52
CA LEU B 386 -27.44 3.55 17.60
C LEU B 386 -26.78 2.48 18.46
N LEU B 387 -26.20 1.46 17.82
CA LEU B 387 -25.55 0.38 18.55
C LEU B 387 -24.37 0.90 19.37
N TYR B 388 -23.65 1.88 18.84
CA TYR B 388 -22.53 2.48 19.54
C TYR B 388 -23.03 3.33 20.71
N ASP B 389 -23.95 4.23 20.42
CA ASP B 389 -24.32 5.24 21.41
C ASP B 389 -25.23 4.68 22.50
N THR B 390 -26.21 3.86 22.12
CA THR B 390 -27.12 3.32 23.12
C THR B 390 -26.68 1.96 23.67
N TYR B 391 -26.06 1.11 22.86
CA TYR B 391 -25.83 -0.27 23.27
C TYR B 391 -24.36 -0.60 23.56
N GLY B 392 -23.46 0.37 23.46
CA GLY B 392 -22.06 0.15 23.79
C GLY B 392 -21.29 -0.73 22.82
N PHE B 393 -21.71 -0.77 21.56
CA PHE B 393 -21.06 -1.59 20.53
C PHE B 393 -19.99 -0.75 19.86
N PRO B 394 -18.69 -1.06 20.03
CA PRO B 394 -17.69 -0.36 19.20
C PRO B 394 -17.93 -0.61 17.73
N VAL B 395 -17.63 0.40 16.91
CA VAL B 395 -17.92 0.31 15.47
C VAL B 395 -17.26 -0.93 14.89
N ASP B 396 -16.03 -1.20 15.30
CA ASP B 396 -15.34 -2.37 14.74
C ASP B 396 -15.96 -3.68 15.21
N LEU B 397 -16.65 -3.70 16.35
CA LEU B 397 -17.38 -4.90 16.74
C LEU B 397 -18.58 -5.12 15.82
N THR B 398 -19.36 -4.05 15.56
CA THR B 398 -20.45 -4.15 14.60
C THR B 398 -19.93 -4.56 13.23
N ALA B 399 -18.80 -3.98 12.82
CA ALA B 399 -18.23 -4.34 11.51
C ALA B 399 -17.77 -5.79 11.47
N ASP B 400 -17.32 -6.33 12.62
CA ASP B 400 -16.91 -7.73 12.67
C ASP B 400 -18.11 -8.66 12.49
N PHE B 401 -19.22 -8.36 13.19
CA PHE B 401 -20.46 -9.07 12.90
C PHE B 401 -20.83 -8.97 11.43
N ALA B 402 -20.80 -7.75 10.87
CA ALA B 402 -21.26 -7.56 9.49
C ALA B 402 -20.47 -8.41 8.51
N ARG B 403 -19.15 -8.44 8.68
CA ARG B 403 -18.31 -9.20 7.75
C ARG B 403 -18.61 -10.70 7.79
N GLU B 404 -19.07 -11.23 8.91
CA GLU B 404 -19.49 -12.63 8.98
C GLU B 404 -20.69 -12.91 8.09
N HIS B 405 -21.43 -11.88 7.69
CA HIS B 405 -22.60 -12.03 6.85
C HIS B 405 -22.38 -11.44 5.47
N ASN B 406 -21.12 -11.25 5.09
CA ASN B 406 -20.75 -10.64 3.82
C ASN B 406 -21.36 -9.25 3.68
N LEU B 407 -21.34 -8.49 4.78
CA LEU B 407 -21.87 -7.15 4.81
C LEU B 407 -20.78 -6.20 5.29
N SER B 408 -20.95 -4.93 4.98
CA SER B 408 -20.07 -3.89 5.48
C SER B 408 -20.90 -2.93 6.33
N VAL B 409 -20.25 -1.96 6.95
CA VAL B 409 -20.95 -0.93 7.72
C VAL B 409 -20.60 0.42 7.11
N ASP B 410 -21.53 1.37 7.20
CA ASP B 410 -21.30 2.68 6.63
C ASP B 410 -20.51 3.53 7.64
N HIS B 411 -19.16 3.44 7.56
CA HIS B 411 -18.28 4.18 8.47
C HIS B 411 -18.45 5.69 8.32
N ALA B 412 -18.56 6.19 7.08
CA ALA B 412 -18.75 7.62 6.89
C ALA B 412 -20.08 8.09 7.50
N GLY B 413 -21.14 7.35 7.25
CA GLY B 413 -22.42 7.70 7.84
C GLY B 413 -22.39 7.66 9.35
N PHE B 414 -21.64 6.72 9.93
CA PHE B 414 -21.50 6.69 11.38
C PHE B 414 -20.78 7.96 11.85
N GLU B 415 -19.73 8.36 11.14
CA GLU B 415 -19.00 9.57 11.53
C GLU B 415 -19.88 10.81 11.41
N VAL B 416 -20.78 10.84 10.43
CA VAL B 416 -21.72 11.95 10.31
C VAL B 416 -22.65 12.00 11.51
N GLU B 417 -23.11 10.83 11.98
CA GLU B 417 -23.96 10.78 13.17
C GLU B 417 -23.20 11.24 14.42
N MET B 418 -21.93 10.83 14.55
CA MET B 418 -21.12 11.29 15.68
C MET B 418 -21.01 12.80 15.68
N SER B 419 -20.76 13.41 14.51
CA SER B 419 -20.66 14.86 14.42
C SER B 419 -21.97 15.52 14.80
N ALA B 420 -23.08 14.97 14.32
CA ALA B 420 -24.39 15.47 14.71
C ALA B 420 -24.62 15.35 16.21
N GLN B 421 -24.10 14.28 16.84
CA GLN B 421 -24.27 14.11 18.27
C GLN B 421 -23.44 15.12 19.06
N ARG B 422 -22.17 15.33 18.66
CA ARG B 422 -21.34 16.32 19.35
C ARG B 422 -22.02 17.68 19.39
N ASP B 423 -22.72 18.05 18.32
CA ASP B 423 -23.44 19.33 18.32
C ASP B 423 -24.56 19.31 19.35
N ARG B 424 -25.29 18.18 19.45
CA ARG B 424 -26.38 18.04 20.40
C ARG B 424 -25.91 17.87 21.84
N ALA B 425 -24.69 17.38 22.05
CA ALA B 425 -24.16 17.16 23.39
C ALA B 425 -23.31 18.34 23.85
#